data_5BQ9
#
_entry.id   5BQ9
#
_cell.length_a   74.439
_cell.length_b   76.625
_cell.length_c   76.688
_cell.angle_alpha   90.000
_cell.angle_beta   96.660
_cell.angle_gamma   90.000
#
_symmetry.space_group_name_H-M   'P 1 21 1'
#
loop_
_entity.id
_entity.type
_entity.pdbx_description
1 polymer 'Uncharacterized protein'
2 water water
#
_entity_poly.entity_id   1
_entity_poly.type   'polypeptide(L)'
_entity_poly.pdbx_seq_one_letter_code
;NLYFQG(MSE)VTKIIWVSNNGKPNLKIEFVSEEEKSNFFKEVKKKASELGLNFPLVQGSGNSLLIEASNYPINPCGCYI
SPGGKLAINFGKVELSHFILPKVGVKTEHAEIFKDHNTIFFHKHKLPGVNSELTFIPTGTPVIVPVTKPATTSPAFFNPS
KSGDSSISISAIGNVDSP(MSE)IRITFQNQTEREFFLNKITDKAKSLGVNISTHPFEIKEPN(MSE)VLIKPSKYPDNK
LGCYISKNKEIAINFGRTDFRDFVLSNLGVGSHLGTCPTKNETGNDTFYFHQENLSLNGPALSVNTKITKEIEKNDYLLS
ANGSKAIDFVWSNFLKHPYNPKLKQPDANVKAAWEKHADWEHWSN(MSE)GQDWSLNTPSGLVPRPNHGIAHTLRVAQLV
PVIAEFLKAYSGDPKFQKLTQKEIQKAQY(MSE)(MSE)LFSVIGREND(MSE)SWTDANHYQQAFKEAYNGQYSKHIYA
TFKENAQKGFLNHVVTNKSSLIPSLFSDESELQYWAEALDTGKPGISSASGIL(MSE)ALAHDLDL(MSE)RCYDKGKFN
SLK(MSE)KDLVARLGGNEDAAKKLADYAHDLIVATGDRC(MSE)GYGVTQDYNYSLFGKCSLDPNECLKQLQSIPKPET
TLANQYGI
;
_entity_poly.pdbx_strand_id   A,B
#
# COMPACT_ATOMS: atom_id res chain seq x y z
N GLN A 5 -35.42 21.78 19.60
CA GLN A 5 -36.51 21.41 18.71
C GLN A 5 -36.07 21.50 17.25
N GLY A 6 -36.90 20.98 16.35
CA GLY A 6 -36.57 20.95 14.93
C GLY A 6 -37.69 21.54 14.08
N VAL A 8 -39.18 21.99 11.42
CA VAL A 8 -39.18 22.03 9.96
C VAL A 8 -38.65 20.74 9.32
N THR A 9 -39.42 20.21 8.37
CA THR A 9 -39.03 19.00 7.63
C THR A 9 -38.01 19.32 6.55
N LYS A 10 -38.41 20.13 5.57
CA LYS A 10 -37.53 20.51 4.47
C LYS A 10 -37.91 21.86 3.86
N ILE A 11 -36.97 22.47 3.16
CA ILE A 11 -37.23 23.74 2.48
C ILE A 11 -37.00 23.61 0.98
N ILE A 12 -37.78 24.33 0.19
CA ILE A 12 -37.69 24.24 -1.26
C ILE A 12 -37.64 25.63 -1.91
N TRP A 13 -36.74 25.80 -2.86
CA TRP A 13 -36.67 27.02 -3.66
C TRP A 13 -37.69 26.94 -4.79
N VAL A 14 -38.85 27.55 -4.59
CA VAL A 14 -39.91 27.55 -5.58
C VAL A 14 -39.99 28.89 -6.29
N SER A 15 -40.93 29.00 -7.23
CA SER A 15 -41.07 30.22 -8.01
C SER A 15 -42.52 30.56 -8.36
N ASN A 16 -43.29 30.96 -7.35
CA ASN A 16 -44.64 31.47 -7.59
C ASN A 16 -44.54 32.83 -8.27
N ASN A 17 -45.25 32.96 -9.40
CA ASN A 17 -45.07 34.10 -10.29
C ASN A 17 -43.61 34.18 -10.75
N GLY A 18 -43.13 35.40 -11.01
CA GLY A 18 -41.75 35.59 -11.43
C GLY A 18 -40.78 35.68 -10.27
N LYS A 19 -41.32 35.90 -9.07
CA LYS A 19 -40.50 36.11 -7.88
C LYS A 19 -40.12 34.80 -7.19
N PRO A 20 -38.89 34.73 -6.65
CA PRO A 20 -38.42 33.55 -5.92
C PRO A 20 -38.97 33.47 -4.50
N ASN A 21 -39.50 32.30 -4.15
CA ASN A 21 -40.03 32.08 -2.81
C ASN A 21 -39.33 30.91 -2.12
N LEU A 22 -39.66 30.69 -0.85
CA LEU A 22 -39.13 29.55 -0.11
C LEU A 22 -40.25 28.76 0.57
N LYS A 23 -40.47 27.54 0.11
CA LYS A 23 -41.50 26.68 0.67
C LYS A 23 -40.96 25.94 1.89
N ILE A 24 -41.65 26.04 3.02
CA ILE A 24 -41.19 25.44 4.26
C ILE A 24 -42.12 24.33 4.74
N GLU A 25 -41.63 23.09 4.64
CA GLU A 25 -42.40 21.93 5.09
C GLU A 25 -42.30 21.75 6.60
N PHE A 26 -43.32 21.14 7.20
CA PHE A 26 -43.35 20.90 8.63
C PHE A 26 -43.75 19.47 8.97
N VAL A 27 -43.45 19.04 10.19
CA VAL A 27 -43.78 17.69 10.64
C VAL A 27 -45.29 17.53 10.80
N SER A 28 -45.89 18.36 11.64
CA SER A 28 -47.32 18.31 11.90
C SER A 28 -48.00 19.59 11.43
N GLU A 29 -49.34 19.55 11.31
CA GLU A 29 -50.11 20.71 10.92
C GLU A 29 -50.10 21.77 12.02
N GLU A 30 -50.06 21.31 13.27
CA GLU A 30 -50.01 22.20 14.42
C GLU A 30 -48.64 22.87 14.54
N GLU A 31 -47.62 22.17 14.07
CA GLU A 31 -46.26 22.69 14.09
C GLU A 31 -46.16 23.90 13.16
N LYS A 32 -46.83 23.81 12.02
CA LYS A 32 -46.93 24.92 11.08
C LYS A 32 -47.72 26.06 11.71
N SER A 33 -48.77 25.71 12.45
CA SER A 33 -49.65 26.70 13.06
C SER A 33 -49.01 27.37 14.27
N ASN A 34 -47.87 26.84 14.71
CA ASN A 34 -47.14 27.44 15.83
C ASN A 34 -45.93 28.22 15.35
N PHE A 35 -45.31 27.75 14.28
CA PHE A 35 -44.21 28.48 13.65
C PHE A 35 -44.74 29.79 13.08
N PHE A 36 -45.94 29.73 12.52
CA PHE A 36 -46.60 30.91 11.94
C PHE A 36 -46.94 31.91 13.04
N LYS A 37 -47.39 31.41 14.19
CA LYS A 37 -47.83 32.26 15.27
C LYS A 37 -46.67 32.96 15.97
N GLU A 38 -45.61 32.21 16.26
CA GLU A 38 -44.47 32.76 17.00
C GLU A 38 -43.66 33.76 16.15
N VAL A 39 -43.49 33.47 14.88
CA VAL A 39 -42.70 34.31 13.99
C VAL A 39 -43.41 35.62 13.66
N LYS A 40 -44.68 35.51 13.26
CA LYS A 40 -45.49 36.70 12.94
C LYS A 40 -45.62 37.62 14.14
N LYS A 41 -45.69 37.03 15.33
CA LYS A 41 -45.72 37.80 16.58
C LYS A 41 -44.38 38.49 16.81
N LYS A 42 -43.30 37.74 16.60
CA LYS A 42 -41.95 38.24 16.79
C LYS A 42 -41.64 39.36 15.78
N ALA A 43 -42.15 39.21 14.56
CA ALA A 43 -41.92 40.19 13.51
C ALA A 43 -42.65 41.50 13.78
N SER A 44 -43.82 41.40 14.40
CA SER A 44 -44.64 42.57 14.70
C SER A 44 -44.11 43.33 15.92
N GLU A 45 -43.26 42.67 16.70
CA GLU A 45 -42.64 43.30 17.86
C GLU A 45 -41.35 44.01 17.48
N LEU A 46 -40.93 43.83 16.24
CA LEU A 46 -39.73 44.48 15.73
C LEU A 46 -40.09 45.54 14.70
N GLY A 47 -41.39 45.74 14.49
CA GLY A 47 -41.87 46.68 13.49
C GLY A 47 -41.58 46.19 12.09
N LEU A 48 -41.57 44.88 11.91
CA LEU A 48 -41.23 44.28 10.63
C LEU A 48 -42.43 43.60 9.98
N ASN A 49 -42.53 43.74 8.67
CA ASN A 49 -43.58 43.07 7.90
C ASN A 49 -43.01 41.87 7.17
N PHE A 50 -42.82 40.78 7.89
CA PHE A 50 -42.21 39.58 7.31
C PHE A 50 -43.24 38.79 6.52
N PRO A 51 -43.01 38.64 5.20
CA PRO A 51 -43.95 37.99 4.29
C PRO A 51 -44.04 36.48 4.48
N LEU A 52 -44.56 36.06 5.63
CA LEU A 52 -44.79 34.65 5.89
C LEU A 52 -46.23 34.29 5.55
N VAL A 53 -46.42 33.59 4.43
CA VAL A 53 -47.76 33.29 3.94
C VAL A 53 -48.03 31.78 3.95
N GLN A 54 -49.23 31.40 4.38
CA GLN A 54 -49.64 30.00 4.41
C GLN A 54 -49.66 29.40 3.01
N GLY A 55 -49.14 28.18 2.88
CA GLY A 55 -49.10 27.50 1.59
C GLY A 55 -49.99 26.28 1.54
N SER A 56 -49.74 25.42 0.56
CA SER A 56 -50.53 24.20 0.39
C SER A 56 -50.16 23.14 1.41
N GLY A 57 -51.18 22.54 2.01
CA GLY A 57 -50.97 21.50 3.02
C GLY A 57 -50.41 22.05 4.31
N ASN A 58 -49.29 21.51 4.75
CA ASN A 58 -48.65 21.95 5.98
C ASN A 58 -47.43 22.82 5.72
N SER A 59 -47.39 23.45 4.55
CA SER A 59 -46.24 24.24 4.15
C SER A 59 -46.47 25.74 4.30
N LEU A 60 -45.38 26.48 4.50
CA LEU A 60 -45.42 27.93 4.57
C LEU A 60 -44.50 28.53 3.51
N LEU A 61 -44.86 29.71 3.01
CA LEU A 61 -44.07 30.36 1.97
C LEU A 61 -43.53 31.71 2.43
N ILE A 62 -42.24 31.92 2.18
CA ILE A 62 -41.62 33.23 2.38
C ILE A 62 -41.58 33.95 1.03
N GLU A 63 -42.48 34.91 0.84
CA GLU A 63 -42.57 35.63 -0.42
C GLU A 63 -41.34 36.50 -0.66
N ALA A 64 -41.24 37.06 -1.86
CA ALA A 64 -40.10 37.86 -2.24
C ALA A 64 -40.09 39.21 -1.53
N SER A 65 -38.97 39.92 -1.65
CA SER A 65 -38.83 41.25 -1.04
C SER A 65 -39.62 42.30 -1.80
N ASN A 66 -40.03 43.35 -1.10
CA ASN A 66 -40.81 44.43 -1.70
C ASN A 66 -40.13 45.78 -1.51
N TYR A 67 -38.97 45.95 -2.12
CA TYR A 67 -38.22 47.20 -2.03
C TYR A 67 -38.99 48.35 -2.68
N PRO A 68 -38.90 49.55 -2.08
CA PRO A 68 -38.18 49.82 -0.84
C PRO A 68 -39.09 49.76 0.40
N ILE A 69 -40.36 49.48 0.18
CA ILE A 69 -41.34 49.49 1.26
C ILE A 69 -41.12 48.36 2.26
N ASN A 70 -40.91 47.15 1.75
CA ASN A 70 -40.68 46.00 2.61
C ASN A 70 -39.54 45.13 2.10
N PRO A 71 -38.30 45.41 2.55
CA PRO A 71 -37.11 44.68 2.11
C PRO A 71 -37.10 43.23 2.60
N CYS A 72 -37.98 42.89 3.53
CA CYS A 72 -38.07 41.53 4.05
C CYS A 72 -38.60 40.56 3.00
N GLY A 73 -37.97 39.39 2.92
CA GLY A 73 -38.40 38.37 1.97
C GLY A 73 -37.23 37.77 1.21
N CYS A 74 -37.53 37.12 0.10
CA CYS A 74 -36.51 36.46 -0.70
C CYS A 74 -36.12 37.27 -1.93
N TYR A 75 -34.91 37.06 -2.41
CA TYR A 75 -34.46 37.64 -3.67
C TYR A 75 -33.23 36.88 -4.17
N ILE A 76 -32.93 37.02 -5.46
CA ILE A 76 -31.80 36.34 -6.05
C ILE A 76 -30.58 37.26 -6.11
N SER A 77 -29.49 36.83 -5.46
CA SER A 77 -28.25 37.59 -5.46
C SER A 77 -27.63 37.62 -6.86
N PRO A 78 -26.78 38.63 -7.13
CA PRO A 78 -26.07 38.72 -8.42
C PRO A 78 -25.26 37.47 -8.73
N GLY A 79 -24.80 36.77 -7.70
CA GLY A 79 -24.03 35.55 -7.89
C GLY A 79 -24.92 34.35 -8.20
N GLY A 80 -26.22 34.54 -8.07
CA GLY A 80 -27.19 33.49 -8.38
C GLY A 80 -27.74 32.80 -7.14
N LYS A 81 -27.12 33.05 -6.00
CA LYS A 81 -27.54 32.43 -4.75
C LYS A 81 -28.88 32.98 -4.26
N LEU A 82 -29.67 32.13 -3.63
CA LEU A 82 -30.95 32.54 -3.06
C LEU A 82 -30.73 33.24 -1.73
N ALA A 83 -31.22 34.47 -1.63
CA ALA A 83 -31.03 35.28 -0.43
C ALA A 83 -32.36 35.56 0.27
N ILE A 84 -32.31 35.65 1.59
CA ILE A 84 -33.50 35.99 2.37
C ILE A 84 -33.19 37.11 3.36
N ASN A 85 -33.90 38.23 3.21
CA ASN A 85 -33.75 39.37 4.11
C ASN A 85 -34.75 39.29 5.25
N PHE A 86 -34.27 39.29 6.48
CA PHE A 86 -35.13 39.17 7.65
C PHE A 86 -35.38 40.53 8.31
N GLY A 87 -34.94 41.60 7.66
CA GLY A 87 -35.15 42.94 8.17
C GLY A 87 -34.21 43.29 9.30
N LYS A 88 -34.35 42.60 10.42
CA LYS A 88 -33.47 42.79 11.57
C LYS A 88 -32.74 41.50 11.91
N VAL A 89 -31.53 41.64 12.45
CA VAL A 89 -30.72 40.49 12.81
C VAL A 89 -31.36 39.72 13.96
N GLU A 90 -32.22 40.40 14.71
CA GLU A 90 -32.96 39.78 15.81
C GLU A 90 -33.92 38.71 15.30
N LEU A 91 -34.62 39.01 14.22
CA LEU A 91 -35.59 38.09 13.65
C LEU A 91 -34.91 36.86 13.05
N SER A 92 -33.74 37.06 12.47
CA SER A 92 -32.98 35.97 11.86
C SER A 92 -32.55 34.94 12.91
N HIS A 93 -32.09 35.42 14.06
CA HIS A 93 -31.68 34.55 15.15
C HIS A 93 -32.87 33.81 15.76
N PHE A 94 -34.08 34.27 15.44
CA PHE A 94 -35.29 33.66 15.96
C PHE A 94 -35.86 32.62 15.00
N ILE A 95 -35.54 32.76 13.71
CA ILE A 95 -36.09 31.89 12.69
C ILE A 95 -35.14 30.75 12.30
N LEU A 96 -33.88 31.09 12.05
CA LEU A 96 -32.88 30.12 11.59
C LEU A 96 -32.78 28.84 12.45
N PRO A 97 -32.73 28.97 13.79
CA PRO A 97 -32.66 27.72 14.55
C PRO A 97 -33.95 26.89 14.48
N LYS A 98 -35.08 27.56 14.26
CA LYS A 98 -36.35 26.87 14.14
C LYS A 98 -36.47 26.14 12.80
N VAL A 99 -35.69 26.60 11.82
CA VAL A 99 -35.69 25.99 10.49
C VAL A 99 -34.59 24.93 10.39
N GLY A 100 -33.43 25.24 10.94
CA GLY A 100 -32.30 24.34 10.91
C GLY A 100 -31.20 24.83 9.99
N VAL A 101 -31.33 26.08 9.52
CA VAL A 101 -30.35 26.68 8.63
C VAL A 101 -29.09 27.08 9.39
N LYS A 102 -27.95 26.49 9.00
CA LYS A 102 -26.68 26.78 9.63
C LYS A 102 -25.65 27.26 8.61
N THR A 103 -24.39 27.29 9.02
CA THR A 103 -23.31 27.73 8.15
C THR A 103 -23.09 26.76 6.99
N GLU A 104 -23.53 25.52 7.18
CA GLU A 104 -23.41 24.49 6.15
C GLU A 104 -24.38 24.74 5.00
N HIS A 105 -25.46 25.46 5.27
CA HIS A 105 -26.52 25.65 4.30
C HIS A 105 -26.45 27.02 3.63
N ALA A 106 -26.14 28.05 4.41
CA ALA A 106 -26.15 29.42 3.90
C ALA A 106 -25.04 30.28 4.47
N GLU A 107 -24.74 31.37 3.78
CA GLU A 107 -23.79 32.37 4.28
C GLU A 107 -24.45 33.23 5.33
N ILE A 108 -24.08 33.03 6.58
CA ILE A 108 -24.67 33.77 7.70
C ILE A 108 -23.66 34.72 8.32
N PHE A 109 -23.78 36.01 7.97
CA PHE A 109 -22.85 37.02 8.44
C PHE A 109 -23.16 37.45 9.88
N LYS A 110 -22.12 37.81 10.61
CA LYS A 110 -22.27 38.31 11.98
C LYS A 110 -22.86 39.70 11.96
N ASP A 111 -23.91 39.90 12.76
CA ASP A 111 -24.60 41.18 12.84
C ASP A 111 -25.13 41.63 11.47
N HIS A 112 -25.96 40.79 10.86
CA HIS A 112 -26.56 41.10 9.57
C HIS A 112 -27.91 40.40 9.40
N ASN A 113 -28.81 41.03 8.67
CA ASN A 113 -30.18 40.55 8.57
C ASN A 113 -30.47 39.66 7.37
N THR A 114 -29.49 39.52 6.47
CA THR A 114 -29.70 38.74 5.25
C THR A 114 -28.72 37.58 5.14
N ILE A 115 -29.25 36.39 4.86
CA ILE A 115 -28.43 35.21 4.63
C ILE A 115 -28.42 34.85 3.15
N PHE A 116 -27.43 34.05 2.75
CA PHE A 116 -27.29 33.64 1.36
C PHE A 116 -27.05 32.14 1.25
N PHE A 117 -28.05 31.41 0.75
CA PHE A 117 -27.93 29.97 0.56
C PHE A 117 -26.82 29.65 -0.43
N HIS A 118 -25.99 28.67 -0.09
CA HIS A 118 -24.86 28.28 -0.94
C HIS A 118 -25.34 27.75 -2.28
N LYS A 119 -24.58 28.02 -3.34
CA LYS A 119 -24.95 27.66 -4.69
C LYS A 119 -24.93 26.15 -4.91
N HIS A 120 -24.16 25.44 -4.10
CA HIS A 120 -24.04 23.99 -4.24
C HIS A 120 -25.00 23.26 -3.30
N LYS A 121 -25.63 24.01 -2.41
CA LYS A 121 -26.61 23.45 -1.49
C LYS A 121 -28.02 23.66 -2.02
N LEU A 122 -28.23 24.79 -2.71
CA LEU A 122 -29.53 25.12 -3.27
C LEU A 122 -29.33 25.92 -4.56
N PRO A 123 -28.99 25.22 -5.65
CA PRO A 123 -28.58 25.84 -6.93
C PRO A 123 -29.64 26.72 -7.58
N GLY A 124 -30.84 26.19 -7.80
CA GLY A 124 -31.88 26.94 -8.48
C GLY A 124 -33.28 26.55 -8.09
N VAL A 125 -34.22 26.74 -9.00
CA VAL A 125 -35.62 26.41 -8.77
C VAL A 125 -35.79 24.90 -8.59
N ASN A 126 -36.79 24.51 -7.80
CA ASN A 126 -37.11 23.11 -7.52
C ASN A 126 -36.00 22.37 -6.77
N SER A 127 -35.02 23.12 -6.27
CA SER A 127 -33.97 22.54 -5.44
C SER A 127 -34.46 22.40 -4.00
N GLU A 128 -34.15 21.27 -3.38
CA GLU A 128 -34.65 20.99 -2.03
C GLU A 128 -33.52 20.83 -1.03
N LEU A 129 -33.88 20.89 0.25
CA LEU A 129 -32.92 20.74 1.34
C LEU A 129 -33.64 20.13 2.55
N THR A 130 -33.43 18.83 2.76
CA THR A 130 -34.13 18.11 3.82
C THR A 130 -33.39 18.18 5.15
N PHE A 131 -34.09 18.65 6.18
CA PHE A 131 -33.54 18.68 7.54
C PHE A 131 -33.98 17.44 8.31
N ILE A 132 -35.23 17.05 8.10
CA ILE A 132 -35.78 15.86 8.73
C ILE A 132 -36.32 14.88 7.69
N PRO A 133 -35.61 13.76 7.48
CA PRO A 133 -36.07 12.72 6.56
C PRO A 133 -37.43 12.17 6.98
N THR A 134 -38.34 12.03 6.01
CA THR A 134 -39.68 11.52 6.31
C THR A 134 -39.61 10.08 6.82
N GLY A 135 -40.14 9.86 8.02
CA GLY A 135 -40.08 8.56 8.65
C GLY A 135 -39.25 8.60 9.92
N THR A 136 -38.71 9.78 10.22
CA THR A 136 -37.90 9.97 11.42
C THR A 136 -38.74 9.79 12.68
N PRO A 137 -38.34 8.84 13.53
CA PRO A 137 -39.06 8.51 14.77
C PRO A 137 -38.72 9.46 15.93
N VAL A 138 -39.52 9.39 16.99
CA VAL A 138 -39.24 10.15 18.20
C VAL A 138 -38.69 9.23 19.28
N ILE A 139 -37.37 9.23 19.42
CA ILE A 139 -36.70 8.33 20.35
C ILE A 139 -36.91 8.75 21.81
N VAL A 140 -37.34 7.79 22.63
CA VAL A 140 -37.55 8.04 24.05
C VAL A 140 -36.70 7.11 24.91
N ASP A 304 -19.26 16.13 15.63
CA ASP A 304 -18.68 14.81 15.70
C ASP A 304 -19.74 13.76 16.00
N TYR A 305 -19.85 12.75 15.14
CA TYR A 305 -20.90 11.75 15.26
C TYR A 305 -20.63 10.75 16.39
N LEU A 306 -19.38 10.71 16.86
CA LEU A 306 -19.03 9.85 17.98
C LEU A 306 -19.71 10.32 19.26
N LEU A 307 -20.15 11.57 19.27
CA LEU A 307 -20.83 12.15 20.41
C LEU A 307 -22.34 11.92 20.36
N SER A 308 -22.82 11.53 19.19
CA SER A 308 -24.25 11.31 18.99
C SER A 308 -24.75 10.10 19.77
N ALA A 309 -26.06 9.98 19.90
CA ALA A 309 -26.66 8.85 20.60
C ALA A 309 -26.34 7.53 19.90
N ASN A 310 -26.48 7.53 18.57
CA ASN A 310 -26.16 6.34 17.78
C ASN A 310 -24.70 5.95 17.92
N GLY A 311 -23.81 6.93 17.85
CA GLY A 311 -22.39 6.69 18.00
C GLY A 311 -22.06 6.13 19.37
N SER A 312 -22.62 6.75 20.40
CA SER A 312 -22.38 6.34 21.78
C SER A 312 -22.85 4.91 22.05
N LYS A 313 -24.02 4.56 21.53
CA LYS A 313 -24.55 3.21 21.72
C LYS A 313 -23.72 2.18 20.96
N ALA A 314 -23.18 2.58 19.81
CA ALA A 314 -22.33 1.70 19.02
C ALA A 314 -21.00 1.46 19.74
N ILE A 315 -20.47 2.51 20.35
CA ILE A 315 -19.23 2.42 21.11
C ILE A 315 -19.39 1.46 22.28
N ASP A 316 -20.47 1.62 23.03
CA ASP A 316 -20.76 0.75 24.17
C ASP A 316 -20.92 -0.70 23.71
N PHE A 317 -21.53 -0.89 22.55
CA PHE A 317 -21.76 -2.23 22.03
C PHE A 317 -20.46 -2.93 21.66
N VAL A 318 -19.63 -2.29 20.82
CA VAL A 318 -18.42 -2.95 20.33
C VAL A 318 -17.42 -3.16 21.47
N TRP A 319 -17.49 -2.31 22.49
CA TRP A 319 -16.62 -2.45 23.65
C TRP A 319 -17.03 -3.65 24.51
N SER A 320 -18.28 -3.65 24.96
CA SER A 320 -18.75 -4.66 25.91
C SER A 320 -18.95 -6.03 25.30
N ASN A 321 -19.22 -6.08 24.00
CA ASN A 321 -19.50 -7.35 23.33
C ASN A 321 -18.27 -7.98 22.69
N PHE A 322 -17.26 -7.18 22.38
CA PHE A 322 -16.11 -7.68 21.63
C PHE A 322 -14.75 -7.20 22.13
N LEU A 323 -14.54 -5.89 22.12
CA LEU A 323 -13.20 -5.33 22.27
C LEU A 323 -12.61 -5.46 23.68
N LYS A 324 -13.45 -5.61 24.69
CA LYS A 324 -12.97 -5.71 26.07
C LYS A 324 -12.51 -7.13 26.40
N HIS A 325 -12.77 -8.06 25.48
CA HIS A 325 -12.52 -9.46 25.75
C HIS A 325 -11.18 -9.93 25.19
N PRO A 326 -10.57 -10.94 25.83
CA PRO A 326 -9.28 -11.46 25.38
C PRO A 326 -9.39 -12.09 24.00
N TYR A 327 -8.26 -12.25 23.33
CA TYR A 327 -8.19 -13.00 22.09
C TYR A 327 -8.51 -14.47 22.37
N ASN A 328 -8.80 -15.22 21.31
CA ASN A 328 -9.13 -16.64 21.43
C ASN A 328 -7.86 -17.49 21.53
N PRO A 329 -7.67 -18.16 22.68
CA PRO A 329 -6.49 -19.01 22.93
C PRO A 329 -6.36 -20.17 21.93
N LYS A 330 -7.46 -20.57 21.31
CA LYS A 330 -7.41 -21.62 20.29
C LYS A 330 -6.65 -21.14 19.06
N LEU A 331 -6.67 -19.83 18.83
CA LEU A 331 -6.00 -19.24 17.68
C LEU A 331 -4.71 -18.54 18.06
N LYS A 332 -4.15 -18.94 19.21
CA LYS A 332 -2.89 -18.40 19.68
C LYS A 332 -1.73 -19.03 18.93
N GLN A 333 -1.97 -20.26 18.45
CA GLN A 333 -0.97 -21.04 17.74
C GLN A 333 -1.66 -22.20 17.03
N PRO A 334 -1.07 -22.69 15.93
CA PRO A 334 -1.67 -23.83 15.24
C PRO A 334 -1.38 -25.14 15.96
N ASP A 335 -2.07 -26.22 15.60
CA ASP A 335 -1.81 -27.52 16.23
C ASP A 335 -0.46 -28.06 15.79
N ALA A 336 -0.06 -29.20 16.36
CA ALA A 336 1.25 -29.78 16.09
C ALA A 336 1.43 -30.11 14.61
N ASN A 337 0.38 -30.64 13.98
CA ASN A 337 0.43 -31.01 12.57
C ASN A 337 0.66 -29.81 11.68
N VAL A 338 -0.14 -28.76 11.87
CA VAL A 338 -0.04 -27.55 11.05
C VAL A 338 1.30 -26.84 11.30
N LYS A 339 1.80 -26.93 12.52
CA LYS A 339 3.10 -26.38 12.86
C LYS A 339 4.21 -26.99 12.00
N ALA A 340 4.17 -28.31 11.85
CA ALA A 340 5.16 -29.03 11.07
C ALA A 340 5.17 -28.61 9.61
N ALA A 341 3.97 -28.48 9.02
CA ALA A 341 3.84 -28.08 7.62
C ALA A 341 4.25 -26.62 7.43
N TRP A 342 4.07 -25.82 8.47
CA TRP A 342 4.40 -24.40 8.43
C TRP A 342 5.92 -24.20 8.36
N GLU A 343 6.64 -24.84 9.26
CA GLU A 343 8.08 -24.61 9.43
C GLU A 343 8.92 -25.04 8.24
N LYS A 344 8.30 -25.66 7.24
CA LYS A 344 9.03 -26.11 6.05
C LYS A 344 9.27 -24.97 5.07
N HIS A 345 8.57 -23.86 5.27
CA HIS A 345 8.72 -22.68 4.41
C HIS A 345 9.62 -21.64 5.05
N ALA A 346 10.84 -21.51 4.55
CA ALA A 346 11.79 -20.55 5.09
C ALA A 346 11.42 -19.13 4.72
N ASP A 347 10.62 -18.97 3.68
CA ASP A 347 10.18 -17.66 3.23
C ASP A 347 9.02 -17.13 4.06
N TRP A 348 8.43 -18.00 4.87
CA TRP A 348 7.32 -17.61 5.74
C TRP A 348 7.82 -17.17 7.11
N GLU A 349 7.21 -16.13 7.66
CA GLU A 349 7.48 -15.73 9.03
C GLU A 349 6.99 -16.82 9.97
N HIS A 350 7.63 -16.94 11.13
CA HIS A 350 7.29 -18.00 12.09
C HIS A 350 5.84 -17.93 12.53
N TRP A 351 5.27 -19.08 12.89
CA TRP A 351 3.86 -19.16 13.26
C TRP A 351 3.57 -18.51 14.61
N SER A 352 4.61 -18.02 15.27
CA SER A 352 4.45 -17.34 16.55
C SER A 352 3.81 -15.96 16.36
N ASN A 353 3.66 -15.56 15.10
CA ASN A 353 2.96 -14.33 14.77
C ASN A 353 1.50 -14.36 15.20
N GLY A 355 0.45 -15.35 18.02
CA GLY A 355 0.36 -15.05 19.43
C GLY A 355 0.92 -13.69 19.82
N GLN A 356 1.41 -12.94 18.83
CA GLN A 356 2.00 -11.64 19.09
C GLN A 356 0.96 -10.63 19.54
N ASP A 357 1.40 -9.64 20.31
CA ASP A 357 0.53 -8.56 20.80
C ASP A 357 -0.75 -9.11 21.44
N TRP A 358 -0.61 -10.20 22.21
CA TRP A 358 -1.75 -10.88 22.80
C TRP A 358 -2.45 -10.00 23.83
N SER A 359 -1.66 -9.42 24.73
CA SER A 359 -2.20 -8.57 25.79
C SER A 359 -1.10 -7.67 26.35
N LEU A 360 -1.49 -6.70 27.17
CA LEU A 360 -0.53 -5.76 27.73
C LEU A 360 -0.82 -5.45 29.19
N ASN A 361 0.18 -5.64 30.04
CA ASN A 361 0.05 -5.31 31.46
C ASN A 361 0.13 -3.80 31.68
N THR A 362 -0.81 -3.27 32.45
CA THR A 362 -0.85 -1.85 32.78
C THR A 362 -1.15 -1.69 34.28
N PRO A 363 -0.92 -0.49 34.84
CA PRO A 363 -1.30 -0.30 36.24
C PRO A 363 -2.80 -0.43 36.48
N SER A 364 -3.60 -0.20 35.45
CA SER A 364 -5.06 -0.25 35.58
C SER A 364 -5.63 -1.65 35.38
N GLY A 365 -4.84 -2.53 34.77
CA GLY A 365 -5.30 -3.88 34.50
C GLY A 365 -4.69 -4.48 33.25
N LEU A 366 -4.97 -5.75 33.02
CA LEU A 366 -4.46 -6.45 31.85
C LEU A 366 -5.28 -6.08 30.61
N VAL A 367 -4.65 -5.35 29.69
CA VAL A 367 -5.34 -4.91 28.48
C VAL A 367 -5.28 -5.97 27.39
N PRO A 368 -6.44 -6.48 26.98
CA PRO A 368 -6.51 -7.47 25.89
C PRO A 368 -6.36 -6.78 24.55
N ARG A 369 -5.96 -7.55 23.53
CA ARG A 369 -5.80 -7.07 22.14
C ARG A 369 -5.31 -5.61 22.03
N PRO A 370 -4.15 -5.31 22.62
CA PRO A 370 -3.67 -3.93 22.73
C PRO A 370 -3.41 -3.26 21.37
N ASN A 371 -3.22 -4.06 20.32
CA ASN A 371 -3.00 -3.50 19.00
C ASN A 371 -4.29 -3.27 18.22
N HIS A 372 -5.38 -3.88 18.69
CA HIS A 372 -6.68 -3.73 18.04
C HIS A 372 -7.80 -3.60 19.07
N GLY A 373 -7.64 -2.66 19.99
CA GLY A 373 -8.60 -2.48 21.08
C GLY A 373 -9.52 -1.30 20.85
N ILE A 374 -10.08 -0.78 21.94
CA ILE A 374 -11.00 0.36 21.85
C ILE A 374 -10.25 1.63 21.46
N ALA A 375 -9.00 1.76 21.90
CA ALA A 375 -8.19 2.93 21.58
C ALA A 375 -7.95 3.03 20.06
N HIS A 376 -7.53 1.92 19.47
CA HIS A 376 -7.36 1.86 18.02
C HIS A 376 -8.66 2.16 17.30
N THR A 377 -9.73 1.53 17.75
CA THR A 377 -11.05 1.68 17.14
C THR A 377 -11.54 3.13 17.16
N LEU A 378 -11.48 3.76 18.33
CA LEU A 378 -11.94 5.14 18.46
C LEU A 378 -11.04 6.10 17.68
N ARG A 379 -9.76 5.78 17.61
CA ARG A 379 -8.80 6.62 16.92
C ARG A 379 -9.09 6.67 15.42
N VAL A 380 -9.25 5.50 14.82
CA VAL A 380 -9.53 5.40 13.40
C VAL A 380 -10.87 6.06 13.05
N ALA A 381 -11.87 5.87 13.90
CA ALA A 381 -13.16 6.52 13.71
C ALA A 381 -13.01 8.04 13.81
N GLN A 382 -12.14 8.49 14.69
CA GLN A 382 -11.90 9.92 14.88
C GLN A 382 -11.19 10.53 13.65
N LEU A 383 -10.38 9.72 12.99
CA LEU A 383 -9.60 10.19 11.85
C LEU A 383 -10.43 10.43 10.60
N VAL A 384 -11.54 9.70 10.47
CA VAL A 384 -12.35 9.72 9.26
C VAL A 384 -12.82 11.13 8.84
N PRO A 385 -13.46 11.89 9.74
CA PRO A 385 -13.92 13.20 9.26
C PRO A 385 -12.76 14.17 8.97
N VAL A 386 -11.64 14.00 9.65
CA VAL A 386 -10.49 14.86 9.43
C VAL A 386 -9.86 14.59 8.07
N ILE A 387 -9.71 13.31 7.76
CA ILE A 387 -9.15 12.90 6.47
C ILE A 387 -10.06 13.34 5.32
N ALA A 388 -11.37 13.26 5.55
CA ALA A 388 -12.34 13.68 4.54
C ALA A 388 -12.15 15.14 4.13
N GLU A 389 -11.93 16.01 5.11
CA GLU A 389 -11.76 17.44 4.83
C GLU A 389 -10.48 17.68 4.03
N PHE A 390 -9.42 16.96 4.36
CA PHE A 390 -8.16 17.09 3.64
C PHE A 390 -8.29 16.59 2.21
N LEU A 391 -9.10 15.56 2.01
CA LEU A 391 -9.34 15.04 0.67
C LEU A 391 -10.12 16.04 -0.17
N LYS A 392 -11.05 16.76 0.48
CA LYS A 392 -11.82 17.78 -0.23
C LYS A 392 -10.91 18.91 -0.71
N ALA A 393 -9.89 19.21 0.07
CA ALA A 393 -9.04 20.36 -0.19
C ALA A 393 -7.87 20.06 -1.14
N TYR A 394 -7.28 18.88 -1.01
CA TYR A 394 -6.00 18.62 -1.67
C TYR A 394 -6.00 17.51 -2.71
N SER A 395 -7.04 16.68 -2.75
CA SER A 395 -7.05 15.55 -3.68
C SER A 395 -7.30 15.99 -5.12
N GLY A 396 -8.19 16.97 -5.30
CA GLY A 396 -8.55 17.44 -6.61
C GLY A 396 -9.59 16.55 -7.28
N ASP A 397 -9.99 15.49 -6.60
CA ASP A 397 -10.99 14.56 -7.12
C ASP A 397 -12.40 14.98 -6.72
N PRO A 398 -13.27 15.18 -7.73
CA PRO A 398 -14.67 15.58 -7.53
C PRO A 398 -15.45 14.67 -6.59
N LYS A 399 -15.12 13.39 -6.56
CA LYS A 399 -15.86 12.44 -5.72
C LYS A 399 -15.69 12.73 -4.24
N PHE A 400 -14.57 13.35 -3.87
CA PHE A 400 -14.34 13.72 -2.47
C PHE A 400 -14.90 15.10 -2.18
N GLN A 401 -14.90 15.97 -3.19
CA GLN A 401 -15.44 17.32 -3.05
C GLN A 401 -16.95 17.29 -2.91
N LYS A 402 -17.58 16.22 -3.39
CA LYS A 402 -19.03 16.09 -3.32
C LYS A 402 -19.47 15.19 -2.16
N LEU A 403 -18.50 14.70 -1.40
CA LEU A 403 -18.77 13.82 -0.27
C LEU A 403 -19.55 14.56 0.83
N THR A 404 -20.76 14.11 1.10
CA THR A 404 -21.63 14.78 2.05
C THR A 404 -21.26 14.45 3.50
N GLN A 405 -21.75 15.26 4.43
CA GLN A 405 -21.50 15.04 5.85
C GLN A 405 -22.17 13.75 6.31
N LYS A 406 -23.32 13.45 5.71
CA LYS A 406 -24.08 12.25 6.01
C LYS A 406 -23.26 11.00 5.72
N GLU A 407 -22.60 10.98 4.57
CA GLU A 407 -21.78 9.84 4.16
C GLU A 407 -20.56 9.68 5.05
N ILE A 408 -19.99 10.79 5.47
CA ILE A 408 -18.83 10.79 6.35
C ILE A 408 -19.21 10.18 7.71
N GLN A 409 -20.40 10.50 8.18
CA GLN A 409 -20.90 9.97 9.44
C GLN A 409 -21.06 8.45 9.38
N LYS A 410 -21.57 7.95 8.27
CA LYS A 410 -21.72 6.51 8.08
C LYS A 410 -20.36 5.83 8.05
N ALA A 411 -19.42 6.41 7.31
CA ALA A 411 -18.07 5.87 7.22
C ALA A 411 -17.43 5.82 8.61
N GLN A 412 -17.67 6.86 9.39
CA GLN A 412 -17.16 6.94 10.75
C GLN A 412 -17.82 5.88 11.64
N TYR A 413 -19.13 5.76 11.50
CA TYR A 413 -19.91 4.80 12.27
C TYR A 413 -19.46 3.36 11.99
N LEU A 416 -16.25 1.75 13.66
CA LEU A 416 -16.38 1.25 15.03
C LEU A 416 -16.46 -0.28 15.06
N PHE A 417 -16.88 -0.86 13.93
CA PHE A 417 -17.01 -2.31 13.83
C PHE A 417 -15.85 -2.92 13.04
N SER A 418 -14.81 -2.11 12.82
CA SER A 418 -13.71 -2.47 11.92
C SER A 418 -12.89 -3.69 12.33
N VAL A 419 -12.73 -3.90 13.64
CA VAL A 419 -11.87 -5.00 14.10
C VAL A 419 -12.51 -5.87 15.17
N ILE A 420 -13.82 -5.76 15.36
CA ILE A 420 -14.50 -6.52 16.41
C ILE A 420 -14.50 -8.03 16.15
N GLY A 421 -14.25 -8.41 14.91
CA GLY A 421 -14.27 -9.81 14.53
C GLY A 421 -12.98 -10.55 14.81
N ARG A 422 -11.91 -9.80 15.05
CA ARG A 422 -10.58 -10.39 15.25
C ARG A 422 -10.52 -11.32 16.46
N GLU A 423 -9.80 -12.43 16.31
CA GLU A 423 -9.61 -13.38 17.39
C GLU A 423 -8.14 -13.54 17.73
N ASN A 424 -7.28 -12.93 16.92
CA ASN A 424 -5.87 -12.73 17.26
C ASN A 424 -5.30 -11.56 16.47
N ASP A 425 -4.01 -11.30 16.62
CA ASP A 425 -3.38 -10.17 15.92
C ASP A 425 -2.66 -10.65 14.66
N SER A 427 -1.76 -11.30 10.72
CA SER A 427 -1.79 -10.57 9.46
C SER A 427 -2.51 -11.40 8.41
N TRP A 428 -2.88 -10.76 7.30
CA TRP A 428 -3.54 -11.48 6.21
C TRP A 428 -2.63 -12.57 5.65
N THR A 429 -1.33 -12.27 5.57
CA THR A 429 -0.36 -13.22 5.05
C THR A 429 -0.22 -14.43 5.97
N ASP A 430 -0.21 -14.18 7.27
CA ASP A 430 -0.14 -15.27 8.26
C ASP A 430 -1.33 -16.21 8.10
N ALA A 431 -2.50 -15.63 7.86
CA ALA A 431 -3.71 -16.42 7.67
C ALA A 431 -3.64 -17.27 6.41
N ASN A 432 -3.08 -16.70 5.33
CA ASN A 432 -2.87 -17.45 4.10
C ASN A 432 -1.95 -18.64 4.34
N HIS A 433 -0.89 -18.40 5.12
CA HIS A 433 0.07 -19.44 5.44
C HIS A 433 -0.57 -20.55 6.27
N TYR A 434 -1.46 -20.18 7.18
CA TYR A 434 -2.13 -21.17 8.01
C TYR A 434 -2.99 -22.09 7.17
N GLN A 435 -3.77 -21.51 6.27
CA GLN A 435 -4.66 -22.27 5.41
C GLN A 435 -3.90 -23.28 4.56
N GLN A 436 -2.80 -22.83 3.97
CA GLN A 436 -1.98 -23.70 3.14
C GLN A 436 -1.30 -24.78 3.96
N ALA A 437 -0.79 -24.41 5.14
CA ALA A 437 -0.16 -25.37 6.04
C ALA A 437 -1.17 -26.39 6.53
N PHE A 438 -2.41 -25.94 6.71
CA PHE A 438 -3.51 -26.83 7.07
C PHE A 438 -3.73 -27.85 5.95
N LYS A 439 -3.68 -27.36 4.72
CA LYS A 439 -3.84 -28.18 3.53
C LYS A 439 -2.72 -29.22 3.43
N GLU A 440 -1.49 -28.78 3.64
CA GLU A 440 -0.33 -29.65 3.52
C GLU A 440 -0.22 -30.67 4.65
N ALA A 441 -0.99 -30.45 5.72
CA ALA A 441 -0.91 -31.31 6.89
C ALA A 441 -2.03 -32.33 6.96
N TYR A 442 -3.14 -32.05 6.27
CA TYR A 442 -4.32 -32.90 6.36
C TYR A 442 -4.84 -33.35 4.99
N ASN A 443 -3.95 -33.93 4.19
CA ASN A 443 -4.31 -34.51 2.89
C ASN A 443 -5.09 -33.56 1.98
N GLY A 444 -4.74 -32.28 2.05
CA GLY A 444 -5.34 -31.28 1.19
C GLY A 444 -6.73 -30.85 1.60
N GLN A 445 -7.08 -31.07 2.87
CA GLN A 445 -8.41 -30.71 3.36
C GLN A 445 -8.58 -29.20 3.43
N TYR A 446 -9.76 -28.73 3.04
CA TYR A 446 -10.07 -27.31 3.08
C TYR A 446 -10.33 -26.84 4.51
N SER A 447 -9.80 -25.67 4.83
CA SER A 447 -10.12 -25.00 6.08
C SER A 447 -10.57 -23.57 5.77
N LYS A 448 -11.56 -23.09 6.52
CA LYS A 448 -12.04 -21.73 6.33
C LYS A 448 -10.92 -20.75 6.65
N HIS A 449 -10.68 -19.82 5.74
CA HIS A 449 -9.69 -18.77 5.95
C HIS A 449 -10.04 -18.01 7.22
N ILE A 450 -9.04 -17.74 8.05
CA ILE A 450 -9.28 -17.17 9.37
C ILE A 450 -9.87 -15.75 9.28
N TYR A 451 -9.49 -15.01 8.25
CA TYR A 451 -10.06 -13.68 8.05
C TYR A 451 -11.50 -13.75 7.55
N ALA A 452 -11.89 -14.90 7.00
CA ALA A 452 -13.29 -15.11 6.65
C ALA A 452 -14.10 -15.30 7.93
N THR A 453 -13.49 -15.98 8.90
CA THR A 453 -14.10 -16.15 10.21
C THR A 453 -14.24 -14.80 10.91
N PHE A 454 -13.22 -13.96 10.77
CA PHE A 454 -13.24 -12.62 11.35
C PHE A 454 -14.44 -11.83 10.83
N LYS A 455 -14.64 -11.88 9.51
CA LYS A 455 -15.76 -11.18 8.88
C LYS A 455 -17.10 -11.67 9.40
N GLU A 456 -17.25 -12.98 9.49
CA GLU A 456 -18.46 -13.59 10.02
C GLU A 456 -18.74 -13.11 11.43
N ASN A 457 -17.70 -13.08 12.27
CA ASN A 457 -17.82 -12.58 13.63
C ASN A 457 -18.30 -11.13 13.65
N ALA A 458 -17.68 -10.30 12.81
CA ALA A 458 -18.00 -8.87 12.76
C ALA A 458 -19.41 -8.64 12.23
N GLN A 459 -19.79 -9.40 11.20
CA GLN A 459 -21.12 -9.29 10.63
C GLN A 459 -22.19 -9.68 11.65
N LYS A 460 -21.94 -10.77 12.37
CA LYS A 460 -22.85 -11.22 13.41
C LYS A 460 -23.06 -10.14 14.46
N GLY A 461 -21.96 -9.52 14.89
CA GLY A 461 -22.04 -8.44 15.86
C GLY A 461 -22.73 -7.21 15.33
N PHE A 462 -22.39 -6.83 14.10
CA PHE A 462 -22.98 -5.66 13.47
C PHE A 462 -24.49 -5.82 13.29
N LEU A 463 -24.90 -6.96 12.75
CA LEU A 463 -26.32 -7.22 12.51
C LEU A 463 -27.09 -7.30 13.82
N ASN A 464 -26.44 -7.78 14.87
CA ASN A 464 -27.04 -7.83 16.20
C ASN A 464 -27.40 -6.43 16.67
N HIS A 465 -26.44 -5.52 16.60
CA HIS A 465 -26.65 -4.15 17.05
C HIS A 465 -27.66 -3.43 16.17
N VAL A 466 -27.65 -3.75 14.89
CA VAL A 466 -28.51 -3.08 13.91
C VAL A 466 -30.00 -3.36 14.12
N VAL A 467 -30.36 -4.63 14.26
CA VAL A 467 -31.78 -5.01 14.36
C VAL A 467 -32.38 -4.48 15.66
N THR A 468 -31.53 -4.29 16.66
CA THR A 468 -31.97 -3.79 17.96
C THR A 468 -32.26 -2.30 17.89
N ASN A 469 -31.48 -1.59 17.08
CA ASN A 469 -31.60 -0.14 16.98
C ASN A 469 -31.94 0.32 15.57
N LYS A 470 -32.65 -0.52 14.83
CA LYS A 470 -33.00 -0.23 13.44
C LYS A 470 -33.79 1.07 13.31
N SER A 471 -34.69 1.32 14.25
CA SER A 471 -35.50 2.52 14.24
C SER A 471 -34.66 3.78 14.46
N SER A 472 -33.61 3.64 15.26
CA SER A 472 -32.73 4.76 15.57
C SER A 472 -31.76 5.05 14.43
N LEU A 473 -31.49 4.04 13.61
CA LEU A 473 -30.50 4.17 12.55
C LEU A 473 -31.12 4.53 11.21
N ILE A 474 -32.37 4.12 11.01
CA ILE A 474 -33.09 4.43 9.77
C ILE A 474 -34.29 5.33 10.06
N PRO A 475 -34.40 6.46 9.35
CA PRO A 475 -33.49 6.93 8.30
C PRO A 475 -32.47 7.97 8.78
N SER A 476 -32.23 8.05 10.08
CA SER A 476 -31.35 9.07 10.65
C SER A 476 -29.92 8.97 10.13
N LEU A 477 -29.44 7.74 9.95
CA LEU A 477 -28.07 7.53 9.49
C LEU A 477 -28.04 6.80 8.15
N PHE A 478 -28.76 5.67 8.08
CA PHE A 478 -28.85 4.91 6.84
C PHE A 478 -30.15 5.25 6.12
N SER A 479 -30.07 5.36 4.80
CA SER A 479 -31.22 5.74 3.98
C SER A 479 -32.39 4.77 4.18
N ASP A 480 -32.11 3.49 4.04
CA ASP A 480 -33.13 2.46 4.20
C ASP A 480 -32.49 1.13 4.57
N GLU A 481 -33.31 0.09 4.63
CA GLU A 481 -32.85 -1.25 4.99
C GLU A 481 -31.90 -1.82 3.94
N SER A 482 -32.07 -1.41 2.68
CA SER A 482 -31.22 -1.90 1.60
C SER A 482 -29.83 -1.27 1.65
N GLU A 483 -29.76 0.00 2.01
CA GLU A 483 -28.47 0.67 2.15
C GLU A 483 -27.72 0.09 3.34
N LEU A 484 -28.48 -0.28 4.38
CA LEU A 484 -27.91 -0.93 5.53
C LEU A 484 -27.39 -2.31 5.15
N GLN A 485 -28.07 -2.97 4.21
CA GLN A 485 -27.64 -4.26 3.72
C GLN A 485 -26.30 -4.16 3.01
N TYR A 486 -26.12 -3.07 2.27
CA TYR A 486 -24.86 -2.79 1.57
C TYR A 486 -23.68 -2.83 2.53
N TRP A 487 -23.78 -2.08 3.62
CA TRP A 487 -22.71 -2.00 4.61
C TRP A 487 -22.52 -3.30 5.38
N ALA A 488 -23.61 -4.02 5.59
CA ALA A 488 -23.55 -5.31 6.27
C ALA A 488 -22.72 -6.30 5.47
N GLU A 489 -22.90 -6.27 4.15
CA GLU A 489 -22.16 -7.16 3.27
C GLU A 489 -20.73 -6.67 3.01
N ALA A 490 -20.56 -5.35 3.04
CA ALA A 490 -19.27 -4.74 2.75
C ALA A 490 -18.34 -4.77 3.96
N LEU A 491 -18.91 -5.01 5.13
CA LEU A 491 -18.14 -5.00 6.37
C LEU A 491 -17.06 -6.07 6.37
N ASP A 492 -15.82 -5.63 6.58
CA ASP A 492 -14.68 -6.53 6.65
C ASP A 492 -13.71 -6.06 7.73
N THR A 493 -12.65 -6.82 7.96
CA THR A 493 -11.70 -6.47 9.02
C THR A 493 -10.71 -5.41 8.55
N GLY A 494 -10.66 -4.29 9.26
CA GLY A 494 -9.76 -3.21 8.94
C GLY A 494 -10.30 -2.30 7.84
N LYS A 495 -10.31 -2.81 6.62
CA LYS A 495 -10.84 -2.08 5.47
C LYS A 495 -11.97 -2.87 4.83
N PRO A 496 -12.87 -2.18 4.11
CA PRO A 496 -13.90 -2.88 3.34
C PRO A 496 -13.44 -3.19 1.91
N GLY A 497 -12.26 -2.68 1.55
CA GLY A 497 -11.64 -2.98 0.26
C GLY A 497 -12.44 -2.56 -0.95
N ILE A 498 -13.20 -1.47 -0.82
CA ILE A 498 -14.01 -0.97 -1.92
C ILE A 498 -13.37 0.27 -2.55
N SER A 499 -13.38 0.33 -3.87
CA SER A 499 -12.75 1.43 -4.59
C SER A 499 -13.66 2.66 -4.72
N SER A 500 -14.61 2.79 -3.81
CA SER A 500 -15.52 3.94 -3.80
C SER A 500 -14.91 5.07 -2.96
N ALA A 501 -15.58 6.23 -2.96
CA ALA A 501 -15.11 7.38 -2.20
C ALA A 501 -15.06 7.07 -0.72
N SER A 502 -16.15 6.51 -0.20
CA SER A 502 -16.20 6.11 1.21
C SER A 502 -15.17 5.05 1.52
N GLY A 503 -15.03 4.08 0.61
CA GLY A 503 -14.09 3.00 0.77
C GLY A 503 -12.65 3.46 0.94
N ILE A 504 -12.23 4.39 0.08
CA ILE A 504 -10.89 4.94 0.15
C ILE A 504 -10.69 5.71 1.45
N LEU A 505 -11.69 6.51 1.82
CA LEU A 505 -11.66 7.30 3.04
C LEU A 505 -11.45 6.44 4.28
N ALA A 507 -10.32 3.35 4.36
CA ALA A 507 -9.05 2.65 4.23
C ALA A 507 -7.88 3.54 4.64
N LEU A 508 -7.98 4.83 4.34
CA LEU A 508 -6.92 5.77 4.69
C LEU A 508 -6.83 5.98 6.20
N ALA A 509 -7.99 5.98 6.86
CA ALA A 509 -8.03 6.11 8.32
C ALA A 509 -7.38 4.90 8.96
N HIS A 510 -7.63 3.73 8.39
CA HIS A 510 -7.01 2.50 8.85
C HIS A 510 -5.51 2.53 8.63
N ASP A 511 -5.09 2.97 7.44
CA ASP A 511 -3.67 2.98 7.08
C ASP A 511 -2.87 3.94 7.94
N LEU A 512 -3.47 5.08 8.27
CA LEU A 512 -2.80 6.11 9.04
C LEU A 512 -2.44 5.64 10.44
N ASP A 513 -3.34 4.85 11.05
CA ASP A 513 -3.12 4.41 12.43
C ASP A 513 -2.12 3.27 12.52
N LEU A 514 -1.66 2.77 11.37
CA LEU A 514 -0.69 1.69 11.34
C LEU A 514 0.71 2.15 11.76
N ARG A 516 1.39 2.84 14.56
CA ARG A 516 1.51 2.29 15.91
C ARG A 516 2.25 0.95 15.92
N CYS A 517 2.26 0.26 14.79
CA CYS A 517 2.82 -1.10 14.73
C CYS A 517 3.70 -1.35 13.51
N TYR A 518 3.93 -0.33 12.69
CA TYR A 518 4.89 -0.43 11.59
C TYR A 518 6.16 0.32 11.94
N ASP A 519 7.30 -0.17 11.47
CA ASP A 519 8.54 0.60 11.60
C ASP A 519 8.50 1.75 10.59
N LYS A 520 9.37 2.74 10.78
CA LYS A 520 9.34 3.95 9.98
C LYS A 520 9.50 3.68 8.48
N GLY A 521 10.44 2.82 8.13
CA GLY A 521 10.68 2.47 6.75
C GLY A 521 9.47 1.82 6.10
N LYS A 522 8.82 0.93 6.85
CA LYS A 522 7.63 0.25 6.36
C LYS A 522 6.45 1.22 6.24
N PHE A 523 6.26 2.05 7.25
CA PHE A 523 5.13 2.97 7.26
C PHE A 523 5.26 4.04 6.19
N ASN A 524 6.47 4.58 6.03
CA ASN A 524 6.70 5.62 5.02
C ASN A 524 6.50 5.10 3.59
N SER A 525 7.10 3.96 3.29
CA SER A 525 7.05 3.42 1.94
C SER A 525 5.69 2.83 1.59
N LEU A 526 5.08 2.13 2.53
CA LEU A 526 3.83 1.41 2.25
C LEU A 526 2.57 2.24 2.48
N LYS A 527 2.66 3.27 3.30
CA LYS A 527 1.46 4.02 3.69
C LYS A 527 1.54 5.52 3.38
N LYS A 529 3.53 7.12 1.25
CA LYS A 529 3.60 7.34 -0.19
C LYS A 529 2.23 7.24 -0.85
N ASP A 530 1.37 6.39 -0.29
CA ASP A 530 0.00 6.27 -0.77
C ASP A 530 -0.80 7.51 -0.40
N LEU A 531 -0.70 7.93 0.86
CA LEU A 531 -1.44 9.10 1.35
C LEU A 531 -1.11 10.36 0.57
N VAL A 532 0.19 10.57 0.33
CA VAL A 532 0.64 11.74 -0.43
C VAL A 532 0.02 11.76 -1.82
N ALA A 533 -0.01 10.60 -2.47
CA ALA A 533 -0.62 10.47 -3.79
C ALA A 533 -2.11 10.79 -3.74
N ARG A 534 -2.77 10.35 -2.68
CA ARG A 534 -4.20 10.63 -2.49
C ARG A 534 -4.44 12.13 -2.31
N LEU A 535 -3.46 12.81 -1.75
CA LEU A 535 -3.59 14.24 -1.45
C LEU A 535 -2.98 15.12 -2.54
N GLY A 536 -3.01 14.64 -3.78
CA GLY A 536 -2.53 15.41 -4.91
C GLY A 536 -1.03 15.65 -4.91
N GLY A 537 -0.31 14.88 -4.10
CA GLY A 537 1.13 15.01 -4.03
C GLY A 537 1.58 16.04 -3.01
N ASN A 538 0.63 16.56 -2.25
CA ASN A 538 0.94 17.56 -1.23
C ASN A 538 1.53 16.92 0.02
N GLU A 539 2.85 17.00 0.14
CA GLU A 539 3.56 16.41 1.28
C GLU A 539 3.25 17.13 2.58
N ASP A 540 3.09 18.46 2.50
CA ASP A 540 2.79 19.26 3.68
C ASP A 540 1.44 18.87 4.27
N ALA A 541 0.45 18.65 3.40
CA ALA A 541 -0.88 18.24 3.85
C ALA A 541 -0.82 16.87 4.51
N ALA A 542 -0.02 15.98 3.94
CA ALA A 542 0.12 14.63 4.46
C ALA A 542 0.76 14.64 5.84
N LYS A 543 1.79 15.47 6.01
CA LYS A 543 2.47 15.61 7.29
C LYS A 543 1.52 16.14 8.35
N LYS A 544 0.71 17.12 7.98
CA LYS A 544 -0.24 17.73 8.91
C LYS A 544 -1.26 16.70 9.36
N LEU A 545 -1.65 15.82 8.45
CA LEU A 545 -2.61 14.76 8.75
C LEU A 545 -1.96 13.67 9.60
N ALA A 546 -0.75 13.28 9.24
CA ALA A 546 -0.02 12.26 9.98
C ALA A 546 0.34 12.74 11.39
N ASP A 547 0.64 14.03 11.52
CA ASP A 547 0.94 14.62 12.82
C ASP A 547 -0.26 14.53 13.76
N TYR A 548 -1.46 14.70 13.20
CA TYR A 548 -2.69 14.62 13.98
C TYR A 548 -2.92 13.20 14.48
N ALA A 549 -2.71 12.22 13.61
CA ALA A 549 -2.83 10.82 13.98
C ALA A 549 -1.82 10.47 15.06
N HIS A 550 -0.62 11.05 14.94
CA HIS A 550 0.43 10.86 15.92
C HIS A 550 0.01 11.43 17.28
N ASP A 551 -0.61 12.61 17.25
CA ASP A 551 -1.07 13.26 18.47
C ASP A 551 -2.17 12.45 19.17
N LEU A 552 -3.00 11.79 18.38
CA LEU A 552 -4.08 10.96 18.93
C LEU A 552 -3.50 9.74 19.64
N ILE A 553 -2.48 9.15 19.04
CA ILE A 553 -1.80 7.99 19.62
C ILE A 553 -1.11 8.35 20.92
N VAL A 554 -0.45 9.51 20.94
CA VAL A 554 0.19 10.00 22.15
C VAL A 554 -0.83 10.29 23.24
N ALA A 555 -1.97 10.85 22.86
CA ALA A 555 -3.02 11.21 23.81
C ALA A 555 -3.67 9.98 24.46
N THR A 556 -3.55 8.84 23.81
CA THR A 556 -4.12 7.60 24.35
C THR A 556 -3.03 6.68 24.89
N GLY A 557 -1.81 7.18 24.94
CA GLY A 557 -0.71 6.45 25.53
C GLY A 557 -0.26 5.24 24.73
N ASP A 558 -0.71 5.16 23.48
CA ASP A 558 -0.36 4.04 22.63
C ASP A 558 1.09 4.15 22.16
N ARG A 559 1.64 3.05 21.68
CA ARG A 559 2.99 3.08 21.12
C ARG A 559 2.98 3.67 19.72
N CYS A 560 4.11 4.21 19.30
CA CYS A 560 4.27 4.72 17.96
C CYS A 560 5.66 4.40 17.47
N GLY A 562 6.25 4.15 13.72
CA GLY A 562 6.29 4.36 12.29
C GLY A 562 6.41 5.79 11.82
N TYR A 563 6.17 6.72 12.72
CA TYR A 563 6.13 8.13 12.35
C TYR A 563 6.42 9.07 13.52
N GLY A 564 7.07 10.18 13.22
CA GLY A 564 7.30 11.25 14.19
C GLY A 564 8.16 10.85 15.37
N VAL A 565 7.86 11.45 16.52
CA VAL A 565 8.53 11.09 17.76
C VAL A 565 8.07 9.72 18.21
N THR A 566 8.87 8.70 17.91
CA THR A 566 8.53 7.33 18.26
C THR A 566 8.53 7.15 19.77
N GLN A 567 7.70 6.23 20.26
CA GLN A 567 7.64 5.95 21.69
C GLN A 567 7.07 4.57 21.95
N ASP A 568 7.37 4.02 23.12
CA ASP A 568 6.74 2.80 23.56
C ASP A 568 5.43 3.17 24.23
N TYR A 569 4.69 2.17 24.70
CA TYR A 569 3.44 2.41 25.43
C TYR A 569 3.67 3.30 26.65
N ASN A 570 2.79 4.27 26.82
CA ASN A 570 2.65 4.94 28.12
C ASN A 570 1.69 4.08 28.93
N TYR A 571 2.24 3.12 29.66
CA TYR A 571 1.44 2.07 30.29
C TYR A 571 0.32 2.61 31.16
N SER A 572 0.61 3.64 31.95
CA SER A 572 -0.39 4.25 32.81
C SER A 572 -1.53 4.86 32.01
N LEU A 573 -1.18 5.69 31.02
CA LEU A 573 -2.18 6.37 30.22
C LEU A 573 -2.93 5.41 29.31
N PHE A 574 -2.20 4.46 28.73
CA PHE A 574 -2.80 3.50 27.82
C PHE A 574 -3.78 2.59 28.53
N GLY A 575 -3.48 2.25 29.78
CA GLY A 575 -4.36 1.43 30.59
C GLY A 575 -5.67 2.14 30.91
N LYS A 576 -5.56 3.41 31.29
CA LYS A 576 -6.73 4.22 31.63
C LYS A 576 -7.67 4.38 30.43
N CYS A 577 -7.10 4.51 29.23
CA CYS A 577 -7.90 4.71 28.04
C CYS A 577 -8.47 3.39 27.50
N SER A 578 -7.66 2.35 27.49
CA SER A 578 -8.05 1.07 26.89
C SER A 578 -9.06 0.32 27.74
N LEU A 579 -9.19 0.68 29.01
CA LEU A 579 -10.14 0.02 29.90
C LEU A 579 -11.35 0.90 30.20
N ASP A 580 -11.45 2.01 29.49
CA ASP A 580 -12.56 2.95 29.68
C ASP A 580 -12.77 3.79 28.41
N PRO A 581 -13.70 3.34 27.55
CA PRO A 581 -13.99 4.00 26.27
C PRO A 581 -14.34 5.48 26.43
N ASN A 582 -15.06 5.82 27.49
CA ASN A 582 -15.43 7.21 27.75
C ASN A 582 -14.20 8.08 28.00
N GLU A 583 -13.26 7.55 28.77
CA GLU A 583 -12.03 8.27 29.06
C GLU A 583 -11.16 8.38 27.82
N CYS A 584 -11.07 7.28 27.06
CA CYS A 584 -10.31 7.27 25.83
C CYS A 584 -10.85 8.30 24.85
N LEU A 585 -12.18 8.34 24.71
CA LEU A 585 -12.83 9.28 23.81
C LEU A 585 -12.56 10.72 24.25
N LYS A 586 -12.50 10.94 25.57
CA LYS A 586 -12.22 12.25 26.12
C LYS A 586 -10.83 12.73 25.75
N GLN A 587 -9.86 11.83 25.81
CA GLN A 587 -8.47 12.17 25.48
C GLN A 587 -8.32 12.49 24.00
N LEU A 588 -9.03 11.75 23.15
CA LEU A 588 -8.98 11.99 21.72
C LEU A 588 -9.52 13.36 21.36
N GLN A 589 -10.49 13.84 22.14
CA GLN A 589 -11.12 15.13 21.88
C GLN A 589 -10.31 16.30 22.41
N SER A 590 -9.28 15.99 23.19
CA SER A 590 -8.40 17.02 23.72
C SER A 590 -7.41 17.51 22.67
N ILE A 591 -7.35 16.80 21.55
CA ILE A 591 -6.42 17.14 20.48
C ILE A 591 -7.10 18.01 19.42
N PRO A 592 -6.57 19.23 19.22
CA PRO A 592 -7.12 20.13 18.21
C PRO A 592 -6.95 19.56 16.80
N LYS A 593 -8.00 19.66 15.99
CA LYS A 593 -7.95 19.16 14.63
C LYS A 593 -7.23 20.15 13.72
N PRO A 594 -6.39 19.64 12.81
CA PRO A 594 -5.67 20.50 11.87
C PRO A 594 -6.62 21.13 10.84
N GLU A 595 -6.27 22.31 10.35
CA GLU A 595 -7.11 23.02 9.39
C GLU A 595 -6.50 23.00 7.99
N THR A 596 -7.36 23.14 6.98
CA THR A 596 -6.90 23.16 5.59
C THR A 596 -6.84 24.58 5.05
N ASN B 1 13.45 -22.05 31.79
CA ASN B 1 13.42 -22.02 30.34
C ASN B 1 14.39 -23.02 29.71
N LEU B 2 14.29 -23.16 28.39
CA LEU B 2 15.23 -23.97 27.63
C LEU B 2 16.12 -23.06 26.78
N TYR B 3 17.41 -23.36 26.74
CA TYR B 3 18.35 -22.50 26.03
C TYR B 3 19.08 -23.24 24.91
N PHE B 4 19.61 -22.48 23.96
CA PHE B 4 20.32 -23.03 22.82
C PHE B 4 21.44 -22.10 22.37
N GLN B 5 22.68 -22.52 22.60
CA GLN B 5 23.84 -21.69 22.29
C GLN B 5 24.53 -22.13 21.00
N GLY B 6 23.79 -22.74 20.10
CA GLY B 6 24.33 -23.18 18.83
C GLY B 6 23.97 -22.26 17.68
N VAL B 8 23.24 -23.50 14.03
CA VAL B 8 22.23 -24.13 13.21
C VAL B 8 21.10 -24.72 14.05
N THR B 9 19.88 -24.28 13.78
CA THR B 9 18.71 -24.78 14.49
C THR B 9 18.23 -26.10 13.87
N LYS B 10 18.45 -26.25 12.57
CA LYS B 10 17.92 -27.40 11.83
C LYS B 10 18.54 -27.52 10.45
N ILE B 11 19.08 -28.69 10.14
CA ILE B 11 19.51 -28.99 8.78
C ILE B 11 18.46 -29.87 8.12
N ILE B 12 18.17 -29.59 6.85
CA ILE B 12 17.10 -30.30 6.16
C ILE B 12 17.55 -30.87 4.81
N TRP B 13 17.39 -32.18 4.66
CA TRP B 13 17.59 -32.82 3.36
C TRP B 13 16.43 -32.41 2.45
N VAL B 14 16.73 -31.57 1.47
CA VAL B 14 15.71 -31.07 0.55
C VAL B 14 16.00 -31.52 -0.88
N SER B 15 15.01 -31.36 -1.75
CA SER B 15 15.16 -31.69 -3.15
C SER B 15 14.77 -30.51 -4.04
N ASN B 16 15.77 -29.82 -4.58
CA ASN B 16 15.54 -28.68 -5.44
C ASN B 16 15.90 -28.96 -6.90
N ASN B 17 14.95 -28.73 -7.79
CA ASN B 17 15.13 -28.92 -9.23
C ASN B 17 15.59 -30.32 -9.60
N GLY B 18 15.18 -31.31 -8.80
CA GLY B 18 15.49 -32.70 -9.09
C GLY B 18 16.59 -33.29 -8.23
N LYS B 19 17.67 -32.53 -8.04
CA LYS B 19 18.82 -33.02 -7.29
C LYS B 19 18.78 -32.54 -5.83
N PRO B 20 19.29 -33.37 -4.90
CA PRO B 20 19.20 -33.10 -3.46
C PRO B 20 20.16 -32.01 -2.98
N ASN B 21 19.67 -31.18 -2.06
CA ASN B 21 20.48 -30.15 -1.42
C ASN B 21 20.42 -30.28 0.10
N LEU B 22 21.30 -29.57 0.80
CA LEU B 22 21.25 -29.52 2.25
C LEU B 22 20.86 -28.14 2.74
N LYS B 23 19.62 -28.01 3.21
CA LYS B 23 19.12 -26.75 3.73
C LYS B 23 19.63 -26.53 5.15
N ILE B 24 20.28 -25.40 5.38
CA ILE B 24 20.85 -25.09 6.69
C ILE B 24 20.19 -23.86 7.32
N GLU B 25 19.27 -24.08 8.24
CA GLU B 25 18.56 -22.99 8.90
C GLU B 25 19.34 -22.44 10.09
N PHE B 26 19.21 -21.13 10.32
CA PHE B 26 19.88 -20.47 11.43
C PHE B 26 18.86 -19.81 12.35
N VAL B 27 19.30 -19.49 13.57
CA VAL B 27 18.42 -18.86 14.55
C VAL B 27 18.00 -17.46 14.11
N SER B 28 18.93 -16.73 13.49
CA SER B 28 18.64 -15.40 12.98
C SER B 28 19.38 -15.13 11.67
N GLU B 29 19.26 -13.90 11.17
CA GLU B 29 19.77 -13.56 9.85
C GLU B 29 21.27 -13.29 9.84
N GLU B 30 21.76 -12.55 10.83
CA GLU B 30 23.16 -12.14 10.84
C GLU B 30 24.12 -13.29 11.12
N GLU B 31 23.67 -14.27 11.90
CA GLU B 31 24.48 -15.44 12.20
C GLU B 31 24.65 -16.29 10.93
N LYS B 32 23.62 -16.31 10.10
CA LYS B 32 23.66 -16.98 8.81
C LYS B 32 24.69 -16.33 7.89
N SER B 33 24.78 -15.01 7.95
CA SER B 33 25.75 -14.27 7.15
C SER B 33 27.18 -14.54 7.61
N ASN B 34 27.35 -14.76 8.90
CA ASN B 34 28.66 -15.06 9.46
C ASN B 34 29.19 -16.40 8.96
N PHE B 35 28.33 -17.41 9.00
CA PHE B 35 28.70 -18.75 8.56
C PHE B 35 29.03 -18.77 7.07
N PHE B 36 28.21 -18.09 6.27
CA PHE B 36 28.39 -18.06 4.83
C PHE B 36 29.70 -17.42 4.42
N LYS B 37 29.95 -16.22 4.94
CA LYS B 37 31.13 -15.44 4.58
C LYS B 37 32.43 -16.13 4.94
N GLU B 38 32.46 -16.77 6.11
CA GLU B 38 33.68 -17.40 6.60
C GLU B 38 33.99 -18.70 5.88
N VAL B 39 32.97 -19.54 5.72
CA VAL B 39 33.15 -20.82 5.04
C VAL B 39 33.50 -20.62 3.57
N LYS B 40 32.87 -19.62 2.94
CA LYS B 40 33.15 -19.29 1.55
C LYS B 40 34.61 -18.90 1.34
N LYS B 41 35.14 -18.08 2.25
CA LYS B 41 36.53 -17.65 2.17
C LYS B 41 37.47 -18.78 2.57
N LYS B 42 36.97 -19.66 3.43
CA LYS B 42 37.74 -20.82 3.89
C LYS B 42 38.02 -21.78 2.73
N ALA B 43 37.01 -22.01 1.90
CA ALA B 43 37.16 -22.91 0.76
C ALA B 43 37.93 -22.26 -0.37
N SER B 44 37.84 -20.94 -0.45
CA SER B 44 38.55 -20.19 -1.49
C SER B 44 40.06 -20.26 -1.27
N GLU B 45 40.47 -20.29 -0.01
CA GLU B 45 41.88 -20.38 0.34
C GLU B 45 42.40 -21.80 0.11
N LEU B 46 41.52 -22.78 0.20
CA LEU B 46 41.90 -24.17 -0.01
C LEU B 46 41.87 -24.54 -1.49
N GLY B 47 41.39 -23.61 -2.31
CA GLY B 47 41.31 -23.82 -3.75
C GLY B 47 40.21 -24.78 -4.12
N LEU B 48 39.06 -24.67 -3.44
CA LEU B 48 37.93 -25.54 -3.70
C LEU B 48 36.69 -24.74 -4.09
N ASN B 49 35.93 -25.27 -5.04
CA ASN B 49 34.69 -24.64 -5.47
C ASN B 49 33.49 -25.27 -4.77
N PHE B 50 33.33 -24.97 -3.48
CA PHE B 50 32.24 -25.53 -2.69
C PHE B 50 30.95 -24.77 -2.95
N PRO B 51 29.88 -25.50 -3.35
CA PRO B 51 28.60 -24.89 -3.71
C PRO B 51 27.78 -24.45 -2.50
N LEU B 52 28.28 -23.46 -1.77
CA LEU B 52 27.53 -22.85 -0.67
C LEU B 52 26.74 -21.66 -1.20
N VAL B 53 25.42 -21.73 -1.10
CA VAL B 53 24.55 -20.72 -1.69
C VAL B 53 23.60 -20.13 -0.65
N GLN B 54 23.40 -18.81 -0.72
CA GLN B 54 22.46 -18.13 0.16
C GLN B 54 21.01 -18.52 -0.17
N GLY B 55 20.21 -18.72 0.86
CA GLY B 55 18.82 -19.10 0.67
C GLY B 55 17.86 -18.10 1.30
N SER B 56 16.57 -18.36 1.15
CA SER B 56 15.54 -17.47 1.66
C SER B 56 15.51 -17.44 3.19
N GLY B 57 15.25 -16.26 3.74
CA GLY B 57 15.16 -16.09 5.18
C GLY B 57 16.47 -16.37 5.89
N ASN B 58 16.39 -17.14 6.97
CA ASN B 58 17.57 -17.50 7.75
C ASN B 58 18.07 -18.90 7.38
N SER B 59 18.22 -19.15 6.08
CA SER B 59 18.61 -20.47 5.60
C SER B 59 19.71 -20.42 4.55
N LEU B 60 20.65 -21.36 4.64
CA LEU B 60 21.66 -21.55 3.61
C LEU B 60 21.48 -22.91 2.95
N LEU B 61 22.04 -23.07 1.76
CA LEU B 61 21.93 -24.35 1.05
C LEU B 61 23.27 -24.80 0.47
N ILE B 62 23.55 -26.09 0.65
CA ILE B 62 24.66 -26.73 -0.04
C ILE B 62 24.14 -27.41 -1.29
N GLU B 63 24.49 -26.87 -2.46
CA GLU B 63 23.97 -27.38 -3.72
C GLU B 63 24.45 -28.78 -4.02
N ALA B 64 23.83 -29.43 -5.00
CA ALA B 64 24.17 -30.81 -5.35
C ALA B 64 25.48 -30.88 -6.11
N SER B 65 26.14 -32.03 -6.01
CA SER B 65 27.39 -32.28 -6.73
C SER B 65 27.16 -32.26 -8.23
N ASN B 66 28.21 -31.94 -8.98
CA ASN B 66 28.13 -31.91 -10.44
C ASN B 66 29.19 -32.80 -11.05
N TYR B 67 29.12 -34.10 -10.75
CA TYR B 67 30.07 -35.07 -11.27
C TYR B 67 29.90 -35.23 -12.78
N PRO B 68 31.01 -35.32 -13.53
CA PRO B 68 32.38 -35.29 -13.04
C PRO B 68 33.02 -33.89 -13.07
N ILE B 69 32.23 -32.88 -13.39
CA ILE B 69 32.73 -31.51 -13.44
C ILE B 69 33.19 -31.02 -12.08
N ASN B 70 32.29 -31.06 -11.10
CA ASN B 70 32.61 -30.65 -9.74
C ASN B 70 32.02 -31.63 -8.72
N PRO B 71 32.91 -32.37 -8.03
CA PRO B 71 32.49 -33.40 -7.06
C PRO B 71 31.88 -32.82 -5.79
N CYS B 72 32.26 -31.59 -5.45
CA CYS B 72 31.78 -30.94 -4.23
C CYS B 72 30.26 -30.72 -4.24
N GLY B 73 29.63 -30.99 -3.10
CA GLY B 73 28.20 -30.80 -2.97
C GLY B 73 27.48 -32.01 -2.43
N CYS B 74 26.15 -32.00 -2.54
CA CYS B 74 25.33 -33.09 -2.03
C CYS B 74 25.01 -34.12 -3.12
N TYR B 75 24.89 -35.37 -2.70
CA TYR B 75 24.47 -36.44 -3.61
C TYR B 75 23.95 -37.62 -2.80
N ILE B 76 22.95 -38.31 -3.34
CA ILE B 76 22.40 -39.50 -2.70
C ILE B 76 23.39 -40.65 -2.76
N SER B 77 23.97 -41.00 -1.61
CA SER B 77 24.96 -42.05 -1.52
C SER B 77 24.31 -43.44 -1.62
N PRO B 78 25.10 -44.48 -1.92
CA PRO B 78 24.55 -45.84 -1.94
C PRO B 78 23.99 -46.23 -0.58
N GLY B 79 22.71 -46.58 -0.54
CA GLY B 79 22.04 -46.90 0.71
C GLY B 79 20.96 -45.89 1.01
N GLY B 80 20.74 -44.97 0.08
CA GLY B 80 19.71 -43.95 0.23
C GLY B 80 20.05 -42.92 1.30
N LYS B 81 21.34 -42.75 1.57
CA LYS B 81 21.79 -41.79 2.57
C LYS B 81 22.31 -40.51 1.90
N LEU B 82 22.15 -39.39 2.59
CA LEU B 82 22.63 -38.10 2.08
C LEU B 82 24.12 -37.93 2.34
N ALA B 83 24.87 -37.67 1.28
CA ALA B 83 26.32 -37.51 1.38
C ALA B 83 26.76 -36.14 0.89
N ILE B 84 27.81 -35.60 1.51
CA ILE B 84 28.35 -34.33 1.10
C ILE B 84 29.86 -34.41 0.86
N ASN B 85 30.28 -34.05 -0.35
CA ASN B 85 31.70 -34.01 -0.68
C ASN B 85 32.27 -32.63 -0.40
N PHE B 86 33.25 -32.56 0.50
CA PHE B 86 33.87 -31.29 0.88
C PHE B 86 35.17 -31.04 0.12
N GLY B 87 35.55 -31.98 -0.72
CA GLY B 87 36.79 -31.85 -1.49
C GLY B 87 38.01 -32.24 -0.68
N LYS B 88 38.26 -31.51 0.40
CA LYS B 88 39.38 -31.79 1.29
C LYS B 88 38.90 -32.06 2.72
N VAL B 89 39.84 -32.39 3.60
CA VAL B 89 39.51 -32.73 4.97
C VAL B 89 39.44 -31.48 5.85
N GLU B 90 40.25 -30.47 5.51
CA GLU B 90 40.30 -29.24 6.29
C GLU B 90 38.99 -28.48 6.25
N LEU B 91 38.28 -28.58 5.12
CA LEU B 91 37.02 -27.87 4.96
C LEU B 91 35.93 -28.48 5.85
N SER B 92 35.98 -29.80 6.00
CA SER B 92 35.01 -30.50 6.84
C SER B 92 35.19 -30.14 8.32
N HIS B 93 36.44 -30.12 8.76
CA HIS B 93 36.75 -29.86 10.16
C HIS B 93 36.42 -28.43 10.57
N PHE B 94 36.18 -27.56 9.59
CA PHE B 94 35.86 -26.17 9.86
C PHE B 94 34.36 -25.93 9.85
N ILE B 95 33.63 -26.77 9.12
CA ILE B 95 32.19 -26.62 8.96
C ILE B 95 31.41 -27.42 10.02
N LEU B 96 31.84 -28.66 10.24
CA LEU B 96 31.16 -29.58 11.16
C LEU B 96 30.90 -29.02 12.57
N PRO B 97 31.92 -28.45 13.23
CA PRO B 97 31.63 -27.98 14.59
C PRO B 97 30.71 -26.76 14.62
N LYS B 98 30.69 -25.99 13.54
CA LYS B 98 29.82 -24.82 13.46
C LYS B 98 28.37 -25.21 13.24
N VAL B 99 28.17 -26.26 12.46
CA VAL B 99 26.82 -26.75 12.18
C VAL B 99 26.27 -27.55 13.36
N GLY B 100 27.12 -28.40 13.92
CA GLY B 100 26.71 -29.23 15.05
C GLY B 100 26.61 -30.70 14.66
N VAL B 101 27.25 -31.06 13.55
CA VAL B 101 27.22 -32.44 13.08
C VAL B 101 28.39 -33.24 13.64
N LYS B 102 28.09 -34.16 14.54
CA LYS B 102 29.10 -35.00 15.16
C LYS B 102 29.01 -36.43 14.64
N THR B 103 29.75 -37.34 15.26
CA THR B 103 29.77 -38.74 14.85
C THR B 103 28.42 -39.40 15.03
N GLU B 104 27.64 -38.89 15.99
CA GLU B 104 26.32 -39.42 16.27
C GLU B 104 25.35 -39.17 15.12
N HIS B 105 25.56 -38.05 14.42
CA HIS B 105 24.65 -37.64 13.36
C HIS B 105 25.02 -38.24 12.01
N ALA B 106 26.32 -38.37 11.74
CA ALA B 106 26.78 -38.84 10.44
C ALA B 106 28.05 -39.66 10.52
N GLU B 107 28.35 -40.39 9.45
CA GLU B 107 29.58 -41.16 9.35
C GLU B 107 30.75 -40.26 8.99
N ILE B 108 31.53 -39.86 9.98
CA ILE B 108 32.64 -38.95 9.77
C ILE B 108 33.97 -39.69 9.76
N PHE B 109 34.40 -40.12 8.58
CA PHE B 109 35.72 -40.74 8.43
C PHE B 109 36.81 -39.68 8.61
N LYS B 110 37.77 -39.99 9.46
CA LYS B 110 38.80 -39.01 9.84
C LYS B 110 39.74 -38.66 8.69
N ASP B 111 39.78 -39.52 7.67
CA ASP B 111 40.70 -39.31 6.56
C ASP B 111 39.99 -39.26 5.20
N HIS B 112 38.71 -38.89 5.21
CA HIS B 112 37.93 -38.81 3.97
C HIS B 112 37.35 -37.41 3.79
N ASN B 113 37.03 -37.08 2.55
CA ASN B 113 36.47 -35.76 2.23
C ASN B 113 34.95 -35.79 2.11
N THR B 114 34.38 -37.00 2.15
CA THR B 114 32.94 -37.16 2.04
C THR B 114 32.36 -37.68 3.35
N ILE B 115 31.25 -37.09 3.78
CA ILE B 115 30.57 -37.48 5.00
C ILE B 115 29.21 -38.06 4.68
N PHE B 116 28.82 -39.11 5.41
CA PHE B 116 27.56 -39.79 5.14
C PHE B 116 26.61 -39.72 6.34
N PHE B 117 25.47 -39.05 6.14
CA PHE B 117 24.46 -38.95 7.17
C PHE B 117 23.73 -40.27 7.36
N HIS B 118 23.44 -40.60 8.62
CA HIS B 118 22.74 -41.84 8.95
C HIS B 118 21.32 -41.84 8.39
N LYS B 119 20.89 -42.98 7.88
CA LYS B 119 19.57 -43.10 7.29
C LYS B 119 18.47 -43.01 8.35
N HIS B 120 18.82 -43.41 9.57
CA HIS B 120 17.86 -43.40 10.68
C HIS B 120 17.68 -42.00 11.26
N LYS B 121 18.40 -41.03 10.70
CA LYS B 121 18.25 -39.64 11.10
C LYS B 121 17.79 -38.78 9.91
N LEU B 122 18.26 -39.14 8.72
CA LEU B 122 17.81 -38.49 7.49
C LEU B 122 17.31 -39.54 6.49
N PRO B 123 16.08 -40.02 6.68
CA PRO B 123 15.50 -41.08 5.83
C PRO B 123 15.15 -40.62 4.41
N GLY B 124 14.35 -39.57 4.27
CA GLY B 124 13.86 -39.15 2.98
C GLY B 124 14.29 -37.76 2.56
N VAL B 125 13.81 -37.34 1.39
CA VAL B 125 14.18 -36.05 0.82
C VAL B 125 13.34 -34.91 1.36
N ASN B 126 12.60 -35.16 2.43
CA ASN B 126 11.79 -34.14 3.08
C ASN B 126 12.06 -34.10 4.58
N SER B 127 12.85 -35.05 5.05
CA SER B 127 13.17 -35.15 6.47
C SER B 127 14.12 -34.06 6.92
N GLU B 128 14.25 -33.89 8.23
CA GLU B 128 15.11 -32.84 8.79
C GLU B 128 15.71 -33.27 10.12
N LEU B 129 16.82 -32.64 10.47
CA LEU B 129 17.50 -32.91 11.74
C LEU B 129 17.55 -31.65 12.58
N THR B 130 16.74 -31.61 13.63
CA THR B 130 16.62 -30.40 14.46
C THR B 130 17.54 -30.45 15.67
N PHE B 131 18.24 -29.34 15.92
CA PHE B 131 19.13 -29.23 17.07
C PHE B 131 18.42 -28.56 18.25
N ILE B 132 17.55 -27.61 17.95
CA ILE B 132 16.77 -26.93 18.96
C ILE B 132 15.68 -27.85 19.52
N PRO B 133 15.51 -27.85 20.86
CA PRO B 133 14.49 -28.65 21.56
C PRO B 133 13.08 -28.58 20.96
N THR B 134 12.86 -27.64 20.04
CA THR B 134 11.59 -27.53 19.31
C THR B 134 10.39 -27.31 20.23
N GLY B 135 10.28 -26.10 20.76
CA GLY B 135 9.14 -25.71 21.57
C GLY B 135 8.58 -24.38 21.11
N THR B 136 9.33 -23.32 21.36
CA THR B 136 8.95 -21.98 20.92
C THR B 136 10.18 -21.09 20.82
N PRO B 137 10.89 -21.14 19.68
CA PRO B 137 12.13 -20.39 19.46
C PRO B 137 11.96 -18.88 19.64
N VAL B 138 12.70 -18.31 20.58
CA VAL B 138 12.67 -16.88 20.82
C VAL B 138 14.08 -16.30 20.89
N ILE B 139 14.28 -15.14 20.28
CA ILE B 139 15.59 -14.50 20.25
C ILE B 139 15.65 -13.34 21.24
N VAL B 140 16.60 -13.42 22.18
CA VAL B 140 16.78 -12.39 23.18
C VAL B 140 18.00 -11.52 22.89
N CYS B 231 15.06 9.44 -24.94
CA CYS B 231 13.76 9.76 -24.36
C CYS B 231 13.76 9.62 -22.84
N TYR B 232 13.76 8.38 -22.36
CA TYR B 232 13.65 8.11 -20.94
C TYR B 232 15.02 7.86 -20.30
N ILE B 233 16.03 8.57 -20.79
CA ILE B 233 17.39 8.42 -20.30
C ILE B 233 18.13 9.76 -20.35
N SER B 234 19.33 9.79 -19.78
CA SER B 234 20.15 11.00 -19.79
C SER B 234 20.76 11.24 -21.17
N ASP B 304 20.09 -18.45 -13.22
CA ASP B 304 19.20 -17.30 -13.15
C ASP B 304 19.32 -16.59 -11.80
N TYR B 305 19.88 -15.39 -11.81
CA TYR B 305 20.12 -14.66 -10.57
C TYR B 305 18.86 -14.00 -10.02
N LEU B 306 17.81 -13.96 -10.83
CA LEU B 306 16.55 -13.38 -10.39
C LEU B 306 15.85 -14.30 -9.38
N LEU B 307 16.29 -15.54 -9.32
CA LEU B 307 15.75 -16.50 -8.36
C LEU B 307 16.68 -16.67 -7.17
N SER B 308 17.82 -15.99 -7.20
CA SER B 308 18.76 -16.04 -6.08
C SER B 308 18.17 -15.34 -4.87
N ALA B 309 18.79 -15.55 -3.72
CA ALA B 309 18.34 -14.92 -2.48
C ALA B 309 18.47 -13.41 -2.57
N ASN B 310 19.61 -12.95 -3.09
CA ASN B 310 19.85 -11.52 -3.26
C ASN B 310 18.90 -10.89 -4.27
N GLY B 311 18.73 -11.56 -5.40
CA GLY B 311 17.84 -11.07 -6.45
C GLY B 311 16.40 -10.98 -5.97
N SER B 312 15.94 -12.02 -5.28
CA SER B 312 14.58 -12.08 -4.78
C SER B 312 14.29 -10.95 -3.79
N LYS B 313 15.24 -10.68 -2.91
CA LYS B 313 15.07 -9.61 -1.92
C LYS B 313 15.06 -8.23 -2.57
N ALA B 314 15.85 -8.07 -3.63
CA ALA B 314 15.88 -6.80 -4.36
C ALA B 314 14.57 -6.56 -5.09
N ILE B 315 14.01 -7.63 -5.66
CA ILE B 315 12.72 -7.54 -6.34
C ILE B 315 11.64 -7.09 -5.38
N ASP B 316 11.60 -7.71 -4.20
CA ASP B 316 10.64 -7.34 -3.17
C ASP B 316 10.80 -5.89 -2.75
N PHE B 317 12.05 -5.43 -2.68
CA PHE B 317 12.33 -4.07 -2.24
C PHE B 317 11.84 -3.02 -3.24
N VAL B 318 12.26 -3.15 -4.49
CA VAL B 318 11.92 -2.15 -5.50
C VAL B 318 10.41 -2.14 -5.77
N TRP B 319 9.79 -3.30 -5.59
CA TRP B 319 8.34 -3.42 -5.77
C TRP B 319 7.59 -2.71 -4.65
N SER B 320 7.89 -3.08 -3.41
CA SER B 320 7.20 -2.54 -2.25
C SER B 320 7.44 -1.05 -2.04
N ASN B 321 8.68 -0.61 -2.26
CA ASN B 321 9.07 0.75 -1.90
C ASN B 321 8.88 1.78 -3.02
N PHE B 322 8.74 1.31 -4.26
CA PHE B 322 8.70 2.24 -5.39
C PHE B 322 7.71 1.86 -6.48
N LEU B 323 7.94 0.72 -7.12
CA LEU B 323 7.27 0.40 -8.39
C LEU B 323 5.76 0.18 -8.28
N LYS B 324 5.29 -0.23 -7.11
CA LYS B 324 3.86 -0.52 -6.96
C LYS B 324 3.07 0.74 -6.65
N HIS B 325 3.77 1.85 -6.43
CA HIS B 325 3.13 3.10 -6.06
C HIS B 325 2.84 3.96 -7.28
N PRO B 326 1.79 4.81 -7.19
CA PRO B 326 1.42 5.67 -8.32
C PRO B 326 2.49 6.72 -8.60
N TYR B 327 2.44 7.30 -9.81
CA TYR B 327 3.25 8.46 -10.13
C TYR B 327 2.83 9.65 -9.25
N ASN B 328 3.68 10.66 -9.19
CA ASN B 328 3.44 11.82 -8.34
C ASN B 328 2.58 12.88 -9.03
N PRO B 329 1.37 13.11 -8.50
CA PRO B 329 0.38 14.05 -9.07
C PRO B 329 0.90 15.47 -9.21
N LYS B 330 1.92 15.84 -8.43
CA LYS B 330 2.52 17.16 -8.54
C LYS B 330 3.31 17.28 -9.85
N LEU B 331 3.63 16.14 -10.46
CA LEU B 331 4.39 16.13 -11.70
C LEU B 331 3.59 15.58 -12.88
N LYS B 332 2.26 15.57 -12.74
CA LYS B 332 1.39 15.15 -13.83
C LYS B 332 1.29 16.25 -14.88
N GLN B 333 1.49 17.48 -14.42
CA GLN B 333 1.40 18.66 -15.26
C GLN B 333 2.06 19.84 -14.57
N PRO B 334 2.54 20.83 -15.33
CA PRO B 334 3.10 22.03 -14.70
C PRO B 334 2.00 22.85 -14.02
N ASP B 335 2.37 23.80 -13.17
CA ASP B 335 1.37 24.71 -12.62
C ASP B 335 0.98 25.72 -13.68
N ALA B 336 0.01 26.57 -13.36
CA ALA B 336 -0.51 27.56 -14.32
C ALA B 336 0.60 28.44 -14.90
N ASN B 337 1.51 28.87 -14.04
CA ASN B 337 2.60 29.77 -14.45
C ASN B 337 3.55 29.10 -15.43
N VAL B 338 4.00 27.89 -15.09
CA VAL B 338 4.94 27.16 -15.94
C VAL B 338 4.28 26.78 -17.26
N LYS B 339 2.99 26.46 -17.21
CA LYS B 339 2.21 26.17 -18.42
C LYS B 339 2.26 27.32 -19.42
N ALA B 340 2.00 28.53 -18.93
CA ALA B 340 1.97 29.72 -19.77
C ALA B 340 3.31 29.93 -20.48
N ALA B 341 4.40 29.82 -19.73
CA ALA B 341 5.73 29.98 -20.29
C ALA B 341 6.03 28.86 -21.28
N TRP B 342 5.52 27.67 -20.99
CA TRP B 342 5.70 26.50 -21.86
C TRP B 342 5.02 26.72 -23.20
N GLU B 343 3.76 27.15 -23.17
CA GLU B 343 2.95 27.30 -24.37
C GLU B 343 3.46 28.39 -25.30
N LYS B 344 4.36 29.24 -24.80
CA LYS B 344 4.97 30.29 -25.62
C LYS B 344 5.96 29.71 -26.62
N HIS B 345 6.32 28.44 -26.43
CA HIS B 345 7.21 27.76 -27.37
C HIS B 345 6.42 26.84 -28.29
N ALA B 346 6.15 27.32 -29.50
CA ALA B 346 5.37 26.56 -30.47
C ALA B 346 6.14 25.34 -30.98
N ASP B 347 7.46 25.36 -30.81
CA ASP B 347 8.29 24.27 -31.27
C ASP B 347 8.35 23.14 -30.24
N TRP B 348 8.07 23.47 -28.99
CA TRP B 348 8.09 22.48 -27.91
C TRP B 348 6.86 21.58 -27.96
N GLU B 349 7.07 20.30 -27.66
CA GLU B 349 5.98 19.36 -27.54
C GLU B 349 5.13 19.73 -26.33
N HIS B 350 3.82 19.52 -26.42
CA HIS B 350 2.89 19.97 -25.39
C HIS B 350 3.20 19.37 -24.02
N TRP B 351 2.91 20.12 -22.97
CA TRP B 351 3.22 19.69 -21.61
C TRP B 351 2.35 18.54 -21.13
N SER B 352 1.42 18.10 -21.97
CA SER B 352 0.58 16.95 -21.65
C SER B 352 1.41 15.66 -21.62
N ASN B 353 2.60 15.70 -22.22
CA ASN B 353 3.53 14.58 -22.18
C ASN B 353 3.89 14.21 -20.75
N GLY B 355 1.86 13.84 -18.32
CA GLY B 355 0.85 12.97 -17.73
C GLY B 355 0.50 11.75 -18.56
N GLN B 356 1.25 11.49 -19.61
CA GLN B 356 1.00 10.34 -20.46
C GLN B 356 1.38 9.03 -19.75
N ASP B 357 0.68 7.96 -20.09
CA ASP B 357 0.93 6.64 -19.51
C ASP B 357 0.94 6.68 -17.99
N TRP B 358 -0.02 7.43 -17.43
CA TRP B 358 -0.06 7.65 -15.99
C TRP B 358 -0.45 6.38 -15.24
N SER B 359 -1.47 5.70 -15.74
CA SER B 359 -1.98 4.49 -15.11
C SER B 359 -2.78 3.68 -16.11
N LEU B 360 -3.17 2.47 -15.73
CA LEU B 360 -3.93 1.60 -16.62
C LEU B 360 -4.96 0.79 -15.86
N ASN B 361 -6.22 0.92 -16.26
CA ASN B 361 -7.29 0.14 -15.64
C ASN B 361 -7.25 -1.31 -16.13
N THR B 362 -7.29 -2.24 -15.19
CA THR B 362 -7.31 -3.67 -15.49
C THR B 362 -8.38 -4.33 -14.60
N PRO B 363 -8.82 -5.54 -14.95
CA PRO B 363 -9.77 -6.25 -14.09
C PRO B 363 -9.25 -6.49 -12.67
N SER B 364 -7.92 -6.58 -12.51
CA SER B 364 -7.33 -6.89 -11.21
C SER B 364 -7.10 -5.66 -10.35
N GLY B 365 -7.15 -4.48 -10.96
CA GLY B 365 -6.89 -3.25 -10.25
C GLY B 365 -6.30 -2.17 -11.14
N LEU B 366 -6.13 -0.98 -10.57
CA LEU B 366 -5.53 0.13 -11.29
C LEU B 366 -4.01 0.00 -11.28
N VAL B 367 -3.42 -0.21 -12.45
CA VAL B 367 -1.98 -0.38 -12.55
C VAL B 367 -1.26 0.95 -12.68
N PRO B 368 -0.42 1.27 -11.68
CA PRO B 368 0.37 2.51 -11.71
C PRO B 368 1.53 2.40 -12.68
N ARG B 369 2.03 3.54 -13.16
CA ARG B 369 3.20 3.61 -14.04
C ARG B 369 3.35 2.42 -15.02
N PRO B 370 2.30 2.19 -15.84
CA PRO B 370 2.24 0.97 -16.67
C PRO B 370 3.36 0.86 -17.70
N ASN B 371 4.00 1.96 -18.03
CA ASN B 371 5.10 1.93 -19.00
C ASN B 371 6.46 1.70 -18.33
N HIS B 372 6.52 1.92 -17.01
CA HIS B 372 7.76 1.76 -16.27
C HIS B 372 7.52 1.09 -14.91
N GLY B 373 6.82 -0.04 -14.92
CA GLY B 373 6.48 -0.73 -13.70
C GLY B 373 7.30 -1.97 -13.44
N ILE B 374 6.74 -2.89 -12.67
CA ILE B 374 7.46 -4.11 -12.29
C ILE B 374 7.67 -5.05 -13.48
N ALA B 375 6.72 -5.05 -14.42
CA ALA B 375 6.83 -5.90 -15.59
C ALA B 375 7.99 -5.45 -16.48
N HIS B 376 8.05 -4.16 -16.75
CA HIS B 376 9.18 -3.60 -17.50
C HIS B 376 10.50 -3.88 -16.79
N THR B 377 10.52 -3.68 -15.48
CA THR B 377 11.72 -3.86 -14.68
C THR B 377 12.21 -5.31 -14.70
N LEU B 378 11.28 -6.25 -14.60
CA LEU B 378 11.66 -7.66 -14.57
C LEU B 378 12.07 -8.14 -15.95
N ARG B 379 11.47 -7.59 -17.00
CA ARG B 379 11.81 -7.98 -18.37
C ARG B 379 13.24 -7.57 -18.73
N VAL B 380 13.61 -6.31 -18.47
CA VAL B 380 14.93 -5.84 -18.83
C VAL B 380 16.01 -6.58 -18.03
N ALA B 381 15.68 -6.98 -16.80
CA ALA B 381 16.62 -7.76 -16.00
C ALA B 381 16.72 -9.17 -16.53
N GLN B 382 15.60 -9.72 -16.97
CA GLN B 382 15.56 -11.05 -17.59
C GLN B 382 16.37 -11.07 -18.89
N LEU B 383 16.33 -9.98 -19.64
CA LEU B 383 17.00 -9.90 -20.93
C LEU B 383 18.53 -9.90 -20.82
N VAL B 384 19.05 -9.32 -19.74
CA VAL B 384 20.49 -9.10 -19.59
C VAL B 384 21.37 -10.35 -19.79
N PRO B 385 21.07 -11.47 -19.10
CA PRO B 385 21.96 -12.61 -19.34
C PRO B 385 21.82 -13.21 -20.75
N VAL B 386 20.65 -13.06 -21.36
CA VAL B 386 20.44 -13.57 -22.71
C VAL B 386 21.21 -12.74 -23.74
N ILE B 387 21.12 -11.42 -23.60
CA ILE B 387 21.83 -10.52 -24.48
C ILE B 387 23.34 -10.71 -24.37
N ALA B 388 23.82 -10.98 -23.15
CA ALA B 388 25.23 -11.23 -22.91
C ALA B 388 25.72 -12.42 -23.73
N GLU B 389 24.93 -13.50 -23.75
CA GLU B 389 25.27 -14.69 -24.50
C GLU B 389 25.37 -14.41 -26.00
N PHE B 390 24.41 -13.64 -26.51
CA PHE B 390 24.42 -13.26 -27.92
C PHE B 390 25.61 -12.37 -28.25
N LEU B 391 26.00 -11.51 -27.32
CA LEU B 391 27.17 -10.66 -27.51
C LEU B 391 28.44 -11.50 -27.56
N LYS B 392 28.53 -12.48 -26.68
CA LYS B 392 29.71 -13.35 -26.65
C LYS B 392 29.87 -14.13 -27.95
N ALA B 393 28.76 -14.44 -28.60
CA ALA B 393 28.79 -15.29 -29.79
C ALA B 393 28.93 -14.50 -31.10
N TYR B 394 28.35 -13.31 -31.16
CA TYR B 394 28.22 -12.61 -32.44
C TYR B 394 28.92 -11.26 -32.53
N SER B 395 29.32 -10.68 -31.40
CA SER B 395 29.90 -9.34 -31.42
C SER B 395 31.32 -9.33 -31.97
N GLY B 396 32.07 -10.39 -31.68
CA GLY B 396 33.47 -10.46 -32.07
C GLY B 396 34.33 -9.53 -31.23
N ASP B 397 33.77 -9.04 -30.13
CA ASP B 397 34.49 -8.15 -29.22
C ASP B 397 34.97 -8.91 -27.99
N PRO B 398 36.30 -8.94 -27.78
CA PRO B 398 36.94 -9.61 -26.65
C PRO B 398 36.37 -9.21 -25.29
N LYS B 399 35.95 -7.95 -25.14
CA LYS B 399 35.42 -7.48 -23.88
C LYS B 399 34.11 -8.18 -23.52
N PHE B 400 33.32 -8.54 -24.53
CA PHE B 400 32.08 -9.26 -24.30
C PHE B 400 32.36 -10.74 -24.09
N GLN B 401 33.34 -11.26 -24.82
CA GLN B 401 33.71 -12.67 -24.72
C GLN B 401 34.27 -13.02 -23.34
N LYS B 402 34.98 -12.08 -22.73
CA LYS B 402 35.62 -12.33 -21.43
C LYS B 402 34.75 -11.90 -20.27
N LEU B 403 33.49 -11.57 -20.56
CA LEU B 403 32.55 -11.12 -19.54
C LEU B 403 32.14 -12.27 -18.62
N THR B 404 32.51 -12.17 -17.35
CA THR B 404 32.26 -13.25 -16.40
C THR B 404 30.79 -13.35 -15.99
N GLN B 405 30.42 -14.47 -15.40
CA GLN B 405 29.06 -14.69 -14.91
C GLN B 405 28.71 -13.70 -13.80
N LYS B 406 29.69 -13.46 -12.92
CA LYS B 406 29.51 -12.53 -11.81
C LYS B 406 29.17 -11.13 -12.31
N GLU B 407 29.86 -10.69 -13.35
CA GLU B 407 29.63 -9.36 -13.92
C GLU B 407 28.24 -9.27 -14.53
N ILE B 408 27.81 -10.35 -15.17
CA ILE B 408 26.47 -10.42 -15.75
C ILE B 408 25.41 -10.35 -14.66
N GLN B 409 25.65 -11.04 -13.55
CA GLN B 409 24.73 -11.02 -12.41
C GLN B 409 24.60 -9.63 -11.81
N LYS B 410 25.71 -8.90 -11.74
CA LYS B 410 25.68 -7.53 -11.25
C LYS B 410 24.84 -6.64 -12.15
N ALA B 411 25.07 -6.75 -13.46
CA ALA B 411 24.33 -5.95 -14.43
C ALA B 411 22.83 -6.25 -14.35
N GLN B 412 22.51 -7.51 -14.12
CA GLN B 412 21.12 -7.93 -13.99
C GLN B 412 20.53 -7.38 -12.70
N TYR B 413 21.32 -7.41 -11.63
CA TYR B 413 20.92 -6.90 -10.34
C TYR B 413 20.63 -5.40 -10.39
N LEU B 416 17.28 -3.88 -11.77
CA LEU B 416 16.09 -3.90 -10.92
C LEU B 416 15.82 -2.51 -10.33
N PHE B 417 16.85 -1.67 -10.30
CA PHE B 417 16.74 -0.30 -9.78
C PHE B 417 16.77 0.73 -10.90
N SER B 418 16.58 0.28 -12.14
N SER B 418 16.57 0.28 -12.13
CA SER B 418 16.76 1.13 -13.31
CA SER B 418 16.74 1.11 -13.31
C SER B 418 15.72 2.25 -13.42
C SER B 418 15.73 2.25 -13.42
N VAL B 419 14.51 2.02 -12.95
CA VAL B 419 13.46 3.04 -13.08
C VAL B 419 12.70 3.35 -11.79
N ILE B 420 13.23 2.95 -10.64
CA ILE B 420 12.51 3.14 -9.38
C ILE B 420 12.41 4.61 -8.96
N GLY B 421 13.23 5.47 -9.56
CA GLY B 421 13.24 6.88 -9.21
C GLY B 421 12.23 7.73 -9.94
N ARG B 422 11.64 7.17 -11.00
CA ARG B 422 10.69 7.93 -11.82
C ARG B 422 9.46 8.37 -11.03
N GLU B 423 9.03 9.61 -11.28
CA GLU B 423 7.82 10.13 -10.64
C GLU B 423 6.77 10.47 -11.69
N ASN B 424 7.17 10.41 -12.96
CA ASN B 424 6.22 10.43 -14.07
C ASN B 424 6.83 9.70 -15.26
N ASP B 425 6.15 9.76 -16.41
CA ASP B 425 6.65 9.08 -17.60
C ASP B 425 7.18 10.07 -18.64
N SER B 427 9.75 12.54 -20.78
CA SER B 427 11.04 12.28 -21.42
C SER B 427 12.10 13.28 -20.97
N TRP B 428 13.35 13.00 -21.33
CA TRP B 428 14.47 13.88 -21.04
C TRP B 428 14.26 15.29 -21.60
N THR B 429 13.76 15.36 -22.83
CA THR B 429 13.51 16.65 -23.47
C THR B 429 12.40 17.41 -22.75
N ASP B 430 11.37 16.69 -22.34
CA ASP B 430 10.28 17.28 -21.56
C ASP B 430 10.82 17.90 -20.28
N ALA B 431 11.77 17.21 -19.66
CA ALA B 431 12.38 17.68 -18.41
C ALA B 431 13.22 18.94 -18.64
N ASN B 432 13.91 18.98 -19.77
CA ASN B 432 14.66 20.18 -20.15
C ASN B 432 13.72 21.36 -20.35
N HIS B 433 12.63 21.11 -21.04
CA HIS B 433 11.62 22.13 -21.29
C HIS B 433 11.03 22.66 -19.99
N TYR B 434 10.73 21.75 -19.05
CA TYR B 434 10.15 22.15 -17.78
C TYR B 434 11.08 23.08 -17.02
N GLN B 435 12.37 22.77 -17.02
CA GLN B 435 13.34 23.57 -16.28
C GLN B 435 13.45 24.99 -16.84
N GLN B 436 13.44 25.09 -18.16
CA GLN B 436 13.51 26.40 -18.81
C GLN B 436 12.20 27.17 -18.61
N ALA B 437 11.08 26.45 -18.71
CA ALA B 437 9.77 27.05 -18.52
C ALA B 437 9.61 27.56 -17.10
N PHE B 438 10.11 26.78 -16.15
CA PHE B 438 10.09 27.16 -14.74
C PHE B 438 10.89 28.45 -14.55
N LYS B 439 12.00 28.55 -15.26
CA LYS B 439 12.86 29.72 -15.21
C LYS B 439 12.15 30.95 -15.78
N GLU B 440 11.51 30.76 -16.92
CA GLU B 440 10.86 31.86 -17.64
C GLU B 440 9.50 32.23 -17.05
N ALA B 441 9.15 31.62 -15.93
CA ALA B 441 7.85 31.86 -15.31
C ALA B 441 7.99 32.29 -13.85
N TYR B 442 9.19 32.11 -13.29
CA TYR B 442 9.42 32.45 -11.89
C TYR B 442 10.66 33.31 -11.69
N ASN B 443 10.76 34.38 -12.47
CA ASN B 443 11.81 35.38 -12.33
C ASN B 443 13.22 34.80 -12.39
N GLY B 444 13.39 33.76 -13.20
CA GLY B 444 14.69 33.14 -13.40
C GLY B 444 15.14 32.27 -12.25
N GLN B 445 14.19 31.83 -11.43
CA GLN B 445 14.50 30.98 -10.29
C GLN B 445 14.98 29.60 -10.75
N TYR B 446 15.93 29.04 -10.03
CA TYR B 446 16.50 27.74 -10.37
C TYR B 446 15.65 26.58 -9.86
N SER B 447 15.39 25.61 -10.73
CA SER B 447 14.76 24.36 -10.32
C SER B 447 15.62 23.19 -10.79
N LYS B 448 15.80 22.21 -9.92
CA LYS B 448 16.63 21.06 -10.26
C LYS B 448 15.99 20.26 -11.39
N HIS B 449 16.81 19.82 -12.34
CA HIS B 449 16.36 18.99 -13.44
C HIS B 449 15.63 17.76 -12.89
N ILE B 450 14.48 17.45 -13.46
CA ILE B 450 13.63 16.40 -12.93
C ILE B 450 14.30 15.03 -12.99
N TYR B 451 15.15 14.81 -13.98
CA TYR B 451 15.89 13.54 -14.07
C TYR B 451 17.02 13.48 -13.05
N ALA B 452 17.47 14.64 -12.57
CA ALA B 452 18.42 14.68 -11.48
C ALA B 452 17.72 14.24 -10.19
N THR B 453 16.44 14.63 -10.07
CA THR B 453 15.63 14.19 -8.95
C THR B 453 15.37 12.68 -9.03
N PHE B 454 15.07 12.20 -10.24
CA PHE B 454 14.87 10.76 -10.47
C PHE B 454 16.09 9.97 -10.01
N LYS B 455 17.27 10.46 -10.36
CA LYS B 455 18.52 9.82 -9.99
C LYS B 455 18.69 9.79 -8.48
N GLU B 456 18.41 10.92 -7.84
CA GLU B 456 18.53 11.01 -6.38
C GLU B 456 17.58 10.04 -5.69
N ASN B 457 16.34 9.98 -6.17
CA ASN B 457 15.36 9.03 -5.65
C ASN B 457 15.86 7.60 -5.75
N ALA B 458 16.39 7.25 -6.91
CA ALA B 458 16.87 5.90 -7.17
C ALA B 458 18.07 5.58 -6.30
N GLN B 459 18.95 6.56 -6.12
CA GLN B 459 20.14 6.36 -5.30
C GLN B 459 19.78 6.18 -3.83
N LYS B 460 18.83 6.97 -3.34
CA LYS B 460 18.35 6.83 -1.96
C LYS B 460 17.80 5.42 -1.72
N GLY B 461 16.99 4.94 -2.66
CA GLY B 461 16.42 3.61 -2.56
C GLY B 461 17.48 2.53 -2.62
N PHE B 462 18.40 2.64 -3.58
CA PHE B 462 19.45 1.66 -3.76
C PHE B 462 20.36 1.58 -2.54
N LEU B 463 20.81 2.73 -2.05
CA LEU B 463 21.70 2.78 -0.90
C LEU B 463 21.02 2.24 0.35
N ASN B 464 19.74 2.54 0.50
CA ASN B 464 18.95 2.02 1.61
C ASN B 464 18.96 0.49 1.62
N HIS B 465 18.67 -0.11 0.48
CA HIS B 465 18.66 -1.56 0.35
C HIS B 465 20.06 -2.15 0.51
N VAL B 466 21.06 -1.42 0.04
CA VAL B 466 22.44 -1.88 0.06
C VAL B 466 23.02 -1.96 1.48
N VAL B 467 22.88 -0.89 2.26
CA VAL B 467 23.47 -0.84 3.59
C VAL B 467 22.78 -1.84 4.53
N THR B 468 21.54 -2.16 4.23
CA THR B 468 20.76 -3.08 5.04
C THR B 468 21.23 -4.52 4.82
N ASN B 469 21.55 -4.85 3.58
CA ASN B 469 21.94 -6.21 3.22
C ASN B 469 23.39 -6.29 2.75
N LYS B 470 24.22 -5.42 3.32
CA LYS B 470 25.62 -5.30 2.91
C LYS B 470 26.40 -6.61 3.08
N SER B 471 26.10 -7.35 4.13
CA SER B 471 26.81 -8.58 4.42
C SER B 471 26.41 -9.70 3.46
N SER B 472 25.21 -9.58 2.89
CA SER B 472 24.71 -10.60 1.96
C SER B 472 25.19 -10.32 0.53
N LEU B 473 25.57 -9.08 0.26
CA LEU B 473 25.97 -8.68 -1.09
C LEU B 473 27.48 -8.71 -1.28
N ILE B 474 28.22 -8.52 -0.18
CA ILE B 474 29.67 -8.56 -0.20
C ILE B 474 30.19 -9.75 0.60
N PRO B 475 31.08 -10.56 0.02
CA PRO B 475 31.60 -10.43 -1.35
C PRO B 475 30.94 -11.35 -2.37
N SER B 476 29.75 -11.84 -2.06
CA SER B 476 29.06 -12.77 -2.95
C SER B 476 28.73 -12.14 -4.31
N LEU B 477 28.22 -10.92 -4.29
CA LEU B 477 27.86 -10.23 -5.53
C LEU B 477 28.82 -9.09 -5.85
N PHE B 478 29.02 -8.18 -4.91
CA PHE B 478 29.94 -7.08 -5.10
C PHE B 478 31.26 -7.37 -4.39
N SER B 479 32.37 -6.99 -5.03
CA SER B 479 33.71 -7.26 -4.51
C SER B 479 33.93 -6.63 -3.14
N ASP B 480 33.65 -5.34 -3.03
CA ASP B 480 33.83 -4.61 -1.78
C ASP B 480 32.97 -3.35 -1.77
N GLU B 481 33.09 -2.57 -0.70
CA GLU B 481 32.30 -1.34 -0.57
C GLU B 481 32.65 -0.31 -1.64
N SER B 482 33.90 -0.33 -2.09
CA SER B 482 34.32 0.60 -3.15
C SER B 482 33.69 0.24 -4.49
N GLU B 483 33.44 -1.04 -4.71
CA GLU B 483 32.78 -1.49 -5.92
C GLU B 483 31.30 -1.10 -5.86
N LEU B 484 30.70 -1.24 -4.68
CA LEU B 484 29.33 -0.81 -4.45
C LEU B 484 29.19 0.69 -4.69
N GLN B 485 30.23 1.44 -4.31
CA GLN B 485 30.24 2.88 -4.51
C GLN B 485 30.21 3.21 -6.00
N TYR B 486 30.96 2.44 -6.78
CA TYR B 486 31.00 2.61 -8.23
C TYR B 486 29.59 2.54 -8.83
N TRP B 487 28.86 1.48 -8.51
CA TRP B 487 27.53 1.27 -9.05
C TRP B 487 26.51 2.25 -8.49
N ALA B 488 26.74 2.69 -7.25
CA ALA B 488 25.85 3.66 -6.62
C ALA B 488 25.91 4.99 -7.36
N GLU B 489 27.12 5.37 -7.78
CA GLU B 489 27.33 6.63 -8.48
C GLU B 489 26.91 6.53 -9.94
N ALA B 490 27.08 5.35 -10.52
CA ALA B 490 26.76 5.14 -11.93
C ALA B 490 25.27 4.91 -12.16
N LEU B 491 24.55 4.62 -11.08
CA LEU B 491 23.12 4.35 -11.17
C LEU B 491 22.34 5.55 -11.68
N ASP B 492 21.54 5.33 -12.72
CA ASP B 492 20.75 6.39 -13.32
C ASP B 492 19.43 5.82 -13.82
N THR B 493 18.55 6.69 -14.33
CA THR B 493 17.26 6.24 -14.83
C THR B 493 17.39 5.64 -16.23
N GLY B 494 16.93 4.41 -16.39
CA GLY B 494 16.95 3.73 -17.67
C GLY B 494 18.29 3.08 -17.97
N LYS B 495 19.30 3.90 -18.20
CA LYS B 495 20.65 3.42 -18.49
C LYS B 495 21.66 4.04 -17.55
N PRO B 496 22.65 3.26 -17.11
CA PRO B 496 23.71 3.78 -16.23
C PRO B 496 24.74 4.60 -17.00
N GLY B 497 25.79 5.04 -16.31
CA GLY B 497 26.84 5.81 -16.94
C GLY B 497 28.10 4.99 -17.15
N ILE B 498 28.21 4.36 -18.31
CA ILE B 498 29.36 3.53 -18.63
C ILE B 498 29.40 3.16 -20.10
N SER B 499 30.54 3.41 -20.73
CA SER B 499 30.79 2.95 -22.09
C SER B 499 31.54 1.62 -22.04
N SER B 500 31.39 0.92 -20.92
CA SER B 500 32.05 -0.36 -20.70
C SER B 500 31.20 -1.53 -21.17
N ALA B 501 31.71 -2.74 -20.97
CA ALA B 501 31.00 -3.96 -21.36
C ALA B 501 29.67 -4.09 -20.62
N SER B 502 29.72 -3.93 -19.31
CA SER B 502 28.52 -4.02 -18.49
C SER B 502 27.52 -2.91 -18.86
N GLY B 503 28.03 -1.69 -18.98
CA GLY B 503 27.21 -0.55 -19.36
C GLY B 503 26.48 -0.74 -20.68
N ILE B 504 27.21 -1.17 -21.70
CA ILE B 504 26.62 -1.43 -23.01
C ILE B 504 25.56 -2.51 -22.90
N LEU B 505 25.87 -3.55 -22.14
CA LEU B 505 24.98 -4.69 -21.95
C LEU B 505 23.62 -4.28 -21.39
N ALA B 507 22.40 -1.31 -21.19
CA ALA B 507 21.82 -0.31 -22.09
C ALA B 507 21.04 -0.98 -23.21
N LEU B 508 21.54 -2.10 -23.71
CA LEU B 508 20.87 -2.85 -24.76
C LEU B 508 19.58 -3.48 -24.25
N ALA B 509 19.60 -3.92 -22.99
CA ALA B 509 18.42 -4.49 -22.36
C ALA B 509 17.31 -3.44 -22.28
N HIS B 510 17.71 -2.22 -21.98
CA HIS B 510 16.77 -1.10 -21.92
C HIS B 510 16.21 -0.78 -23.30
N ASP B 511 17.08 -0.80 -24.31
CA ASP B 511 16.69 -0.47 -25.67
C ASP B 511 15.71 -1.48 -26.27
N LEU B 512 16.00 -2.76 -26.05
CA LEU B 512 15.17 -3.83 -26.58
C LEU B 512 13.72 -3.74 -26.11
N ASP B 513 13.54 -3.37 -24.84
CA ASP B 513 12.19 -3.33 -24.26
C ASP B 513 11.40 -2.12 -24.74
N LEU B 514 12.08 -1.18 -25.40
CA LEU B 514 11.41 0.02 -25.89
C LEU B 514 10.46 -0.26 -27.05
N ARG B 516 7.90 -1.71 -26.65
CA ARG B 516 6.61 -1.60 -26.01
C ARG B 516 5.95 -0.25 -26.25
N CYS B 517 6.75 0.78 -26.51
CA CYS B 517 6.21 2.14 -26.64
C CYS B 517 6.73 2.92 -27.86
N TYR B 518 7.63 2.33 -28.63
CA TYR B 518 8.08 2.93 -29.88
C TYR B 518 7.30 2.35 -31.05
N ASP B 519 7.03 3.16 -32.07
CA ASP B 519 6.43 2.65 -33.30
C ASP B 519 7.49 1.86 -34.08
N LYS B 520 7.04 1.04 -35.02
CA LYS B 520 7.93 0.13 -35.74
C LYS B 520 9.06 0.84 -36.46
N GLY B 521 8.72 1.91 -37.18
CA GLY B 521 9.71 2.68 -37.92
C GLY B 521 10.75 3.29 -36.99
N LYS B 522 10.29 3.78 -35.85
CA LYS B 522 11.18 4.42 -34.88
C LYS B 522 12.03 3.37 -34.19
N PHE B 523 11.43 2.24 -33.82
CA PHE B 523 12.17 1.20 -33.10
C PHE B 523 13.21 0.52 -33.98
N ASN B 524 12.84 0.20 -35.21
N ASN B 524 12.85 0.22 -35.22
CA ASN B 524 13.75 -0.45 -36.14
CA ASN B 524 13.77 -0.47 -36.10
C ASN B 524 14.94 0.43 -36.49
C ASN B 524 14.92 0.41 -36.59
N SER B 525 14.66 1.70 -36.77
CA SER B 525 15.69 2.63 -37.21
C SER B 525 16.62 3.06 -36.07
N LEU B 526 16.07 3.24 -34.88
CA LEU B 526 16.86 3.74 -33.75
C LEU B 526 17.49 2.62 -32.93
N LYS B 527 16.76 1.53 -32.71
CA LYS B 527 17.22 0.49 -31.81
C LYS B 527 17.74 -0.76 -32.52
N LYS B 529 18.76 -1.23 -35.76
CA LYS B 529 19.95 -0.97 -36.57
C LYS B 529 21.20 -0.89 -35.70
N ASP B 530 21.05 -0.40 -34.48
CA ASP B 530 22.14 -0.35 -33.52
C ASP B 530 22.46 -1.75 -33.00
N LEU B 531 21.42 -2.54 -32.73
CA LEU B 531 21.59 -3.89 -32.21
C LEU B 531 22.29 -4.80 -33.20
N VAL B 532 21.89 -4.73 -34.46
CA VAL B 532 22.50 -5.53 -35.52
C VAL B 532 23.99 -5.21 -35.63
N ALA B 533 24.34 -3.93 -35.50
CA ALA B 533 25.72 -3.50 -35.59
C ALA B 533 26.57 -4.06 -34.46
N ARG B 534 25.98 -4.17 -33.27
CA ARG B 534 26.72 -4.67 -32.11
C ARG B 534 26.83 -6.20 -32.17
N LEU B 535 25.99 -6.82 -32.98
CA LEU B 535 26.03 -8.27 -33.15
C LEU B 535 26.78 -8.64 -34.43
N GLY B 536 27.71 -7.79 -34.83
CA GLY B 536 28.57 -8.06 -35.97
C GLY B 536 27.84 -8.06 -37.31
N GLY B 537 26.72 -7.35 -37.37
CA GLY B 537 25.95 -7.25 -38.59
C GLY B 537 25.06 -8.45 -38.83
N ASN B 538 24.96 -9.32 -37.83
CA ASN B 538 24.12 -10.51 -37.92
C ASN B 538 22.65 -10.17 -37.67
N GLU B 539 21.91 -9.95 -38.75
CA GLU B 539 20.49 -9.61 -38.66
C GLU B 539 19.66 -10.74 -38.05
N ASP B 540 20.05 -11.97 -38.34
CA ASP B 540 19.32 -13.14 -37.86
C ASP B 540 19.45 -13.31 -36.35
N ALA B 541 20.65 -13.05 -35.84
CA ALA B 541 20.87 -13.12 -34.39
C ALA B 541 20.08 -12.03 -33.68
N ALA B 542 20.04 -10.84 -34.30
CA ALA B 542 19.31 -9.72 -33.74
C ALA B 542 17.82 -10.01 -33.70
N LYS B 543 17.32 -10.64 -34.76
CA LYS B 543 15.90 -11.01 -34.84
C LYS B 543 15.53 -12.02 -33.76
N LYS B 544 16.40 -13.01 -33.56
CA LYS B 544 16.16 -14.05 -32.57
C LYS B 544 16.13 -13.45 -31.17
N LEU B 545 16.96 -12.43 -30.95
CA LEU B 545 17.02 -11.76 -29.66
C LEU B 545 15.80 -10.87 -29.44
N ALA B 546 15.39 -10.17 -30.50
CA ALA B 546 14.24 -9.29 -30.43
C ALA B 546 12.94 -10.10 -30.33
N ASP B 547 12.91 -11.28 -30.94
CA ASP B 547 11.76 -12.16 -30.83
C ASP B 547 11.55 -12.61 -29.38
N TYR B 548 12.65 -12.84 -28.69
CA TYR B 548 12.59 -13.25 -27.29
C TYR B 548 12.03 -12.12 -26.43
N ALA B 549 12.52 -10.91 -26.65
CA ALA B 549 12.03 -9.73 -25.93
C ALA B 549 10.55 -9.53 -26.22
N HIS B 550 10.16 -9.80 -27.46
CA HIS B 550 8.75 -9.73 -27.85
C HIS B 550 7.93 -10.76 -27.09
N ASP B 551 8.43 -11.99 -27.01
CA ASP B 551 7.73 -13.06 -26.30
C ASP B 551 7.55 -12.76 -24.82
N LEU B 552 8.55 -12.12 -24.21
CA LEU B 552 8.45 -11.75 -22.80
C LEU B 552 7.35 -10.72 -22.57
N ILE B 553 7.25 -9.76 -23.49
CA ILE B 553 6.22 -8.74 -23.42
C ILE B 553 4.83 -9.34 -23.58
N VAL B 554 4.69 -10.27 -24.52
CA VAL B 554 3.42 -10.96 -24.74
C VAL B 554 3.05 -11.80 -23.51
N ALA B 555 4.06 -12.41 -22.89
CA ALA B 555 3.85 -13.25 -21.71
C ALA B 555 3.36 -12.45 -20.51
N THR B 556 3.68 -11.16 -20.47
CA THR B 556 3.26 -10.30 -19.37
C THR B 556 2.05 -9.45 -19.76
N GLY B 557 1.51 -9.70 -20.94
CA GLY B 557 0.31 -9.02 -21.39
C GLY B 557 0.51 -7.56 -21.71
N ASP B 558 1.77 -7.15 -21.84
CA ASP B 558 2.08 -5.76 -22.13
C ASP B 558 1.84 -5.45 -23.60
N ARG B 559 1.78 -4.16 -23.93
CA ARG B 559 1.59 -3.76 -25.32
C ARG B 559 2.91 -3.83 -26.08
N CYS B 560 2.81 -4.05 -27.39
CA CYS B 560 3.99 -4.08 -28.23
C CYS B 560 3.71 -3.28 -29.50
N GLY B 562 6.53 -1.70 -31.53
CA GLY B 562 7.67 -1.48 -32.40
C GLY B 562 8.31 -2.68 -33.08
N TYR B 563 7.79 -3.88 -32.81
CA TYR B 563 8.40 -5.07 -33.38
C TYR B 563 7.46 -6.27 -33.43
N GLY B 564 7.63 -7.10 -34.45
CA GLY B 564 6.90 -8.36 -34.58
C GLY B 564 5.40 -8.23 -34.66
N VAL B 565 4.70 -9.19 -34.08
CA VAL B 565 3.25 -9.15 -34.02
C VAL B 565 2.81 -8.12 -32.98
N THR B 566 2.49 -6.92 -33.47
CA THR B 566 2.10 -5.82 -32.58
C THR B 566 0.76 -6.12 -31.90
N GLN B 567 0.60 -5.60 -30.68
CA GLN B 567 -0.62 -5.81 -29.93
C GLN B 567 -0.83 -4.71 -28.89
N ASP B 568 -2.07 -4.52 -28.50
CA ASP B 568 -2.40 -3.64 -27.39
C ASP B 568 -2.24 -4.44 -26.09
N TYR B 569 -2.50 -3.79 -24.96
CA TYR B 569 -2.46 -4.47 -23.67
C TYR B 569 -3.44 -5.65 -23.63
N ASN B 570 -2.98 -6.76 -23.07
CA ASN B 570 -3.88 -7.80 -22.61
C ASN B 570 -4.23 -7.46 -21.16
N TYR B 571 -5.30 -6.70 -20.98
CA TYR B 571 -5.61 -6.09 -19.69
C TYR B 571 -5.69 -7.09 -18.54
N SER B 572 -6.30 -8.23 -18.79
CA SER B 572 -6.38 -9.27 -17.77
C SER B 572 -5.01 -9.77 -17.36
N LEU B 573 -4.23 -10.20 -18.35
CA LEU B 573 -2.90 -10.75 -18.10
C LEU B 573 -1.94 -9.69 -17.55
N PHE B 574 -1.99 -8.49 -18.12
CA PHE B 574 -1.10 -7.42 -17.70
C PHE B 574 -1.39 -7.00 -16.26
N GLY B 575 -2.66 -7.01 -15.89
CA GLY B 575 -3.06 -6.71 -14.53
C GLY B 575 -2.56 -7.75 -13.55
N LYS B 576 -2.65 -9.02 -13.94
CA LYS B 576 -2.20 -10.11 -13.09
C LYS B 576 -0.70 -10.06 -12.85
N CYS B 577 0.05 -9.63 -13.86
CA CYS B 577 1.51 -9.58 -13.77
C CYS B 577 2.01 -8.31 -13.10
N SER B 578 1.32 -7.19 -13.34
CA SER B 578 1.76 -5.90 -12.82
C SER B 578 1.39 -5.69 -11.36
N LEU B 579 0.51 -6.53 -10.84
CA LEU B 579 0.10 -6.43 -9.43
C LEU B 579 0.65 -7.56 -8.59
N ASP B 580 1.48 -8.40 -9.19
CA ASP B 580 2.08 -9.53 -8.49
C ASP B 580 3.40 -9.94 -9.15
N PRO B 581 4.52 -9.45 -8.59
CA PRO B 581 5.87 -9.74 -9.10
C PRO B 581 6.13 -11.24 -9.24
N ASN B 582 5.64 -12.03 -8.29
CA ASN B 582 5.82 -13.47 -8.35
C ASN B 582 5.09 -14.08 -9.56
N GLU B 583 3.90 -13.57 -9.83
CA GLU B 583 3.13 -14.01 -10.98
C GLU B 583 3.82 -13.58 -12.28
N CYS B 584 4.29 -12.34 -12.30
CA CYS B 584 4.99 -11.80 -13.46
C CYS B 584 6.26 -12.60 -13.73
N LEU B 585 6.96 -12.96 -12.67
CA LEU B 585 8.23 -13.68 -12.78
C LEU B 585 8.01 -15.07 -13.38
N LYS B 586 6.97 -15.76 -12.95
CA LYS B 586 6.64 -17.08 -13.48
C LYS B 586 6.32 -17.03 -14.97
N GLN B 587 5.60 -15.99 -15.40
CA GLN B 587 5.27 -15.82 -16.80
C GLN B 587 6.51 -15.62 -17.66
N LEU B 588 7.46 -14.83 -17.15
CA LEU B 588 8.71 -14.60 -17.85
C LEU B 588 9.52 -15.89 -17.98
N GLN B 589 9.43 -16.75 -16.98
CA GLN B 589 10.17 -18.01 -16.98
C GLN B 589 9.55 -19.05 -17.90
N SER B 590 8.32 -18.80 -18.32
CA SER B 590 7.61 -19.74 -19.18
C SER B 590 8.11 -19.64 -20.63
N ILE B 591 8.88 -18.60 -20.92
CA ILE B 591 9.39 -18.41 -22.27
C ILE B 591 10.76 -19.04 -22.44
N PRO B 592 10.88 -20.01 -23.37
CA PRO B 592 12.16 -20.65 -23.65
C PRO B 592 13.18 -19.64 -24.14
N LYS B 593 14.40 -19.70 -23.60
CA LYS B 593 15.46 -18.80 -24.03
C LYS B 593 16.07 -19.27 -25.35
N PRO B 594 16.37 -18.32 -26.25
CA PRO B 594 16.94 -18.65 -27.55
C PRO B 594 18.39 -19.13 -27.45
N GLU B 595 18.77 -20.08 -28.30
CA GLU B 595 20.14 -20.59 -28.32
C GLU B 595 20.96 -19.84 -29.35
N THR B 596 22.27 -19.72 -29.10
CA THR B 596 23.16 -19.00 -30.01
C THR B 596 23.88 -19.97 -30.96
#